data_6V52
#
_entry.id   6V52
#
_cell.length_a   85.245
_cell.length_b   90.448
_cell.length_c   130.034
_cell.angle_alpha   90.000
_cell.angle_beta   90.000
_cell.angle_gamma   90.000
#
_symmetry.space_group_name_H-M   'P 21 21 21'
#
loop_
_entity.id
_entity.type
_entity.pdbx_description
1 polymer 'Indoleamine 2,3-dioxygenase 1'
2 non-polymer 3-chloro-N-{4-[1-(propylcarbamoyl)cyclobutyl]phenyl}benzamide
3 water water
#
_entity_poly.entity_id   1
_entity_poly.type   'polypeptide(L)'
_entity_poly.pdbx_seq_one_letter_code
;MISKEYHIDEEVGFALPNPQENLPDFYNDWMFIAKHLPDLIESGQLRERVEKLNMLSIDHLTDHKSQRLARLVLGCITMA
YVWGKGHGDVRKVLPRNIAVPYCQLSKKLELPPILVYADCVLANWKKKDPNKPLTYENMDVLFSFRDGDCSKGFFLVSLL
VEIAAASAIKVIPTVFKAMQMQERDTLLKALLEIASCLEKALQVFHQIHDHVNPKAFFSVLRIYLSGWKGNPQLSDGLVY
EGFWEDPKEFAGGSAGQSSVFQCFDVLLGIQQTAGGGHAAQFLQDMRRYMPPAHRNFLCSLESNPSVREFVLSKGDAGLR
EAYDACVKALVSLRSYHLQIVTKYILIPASQQPKENKTSEDPSKLEAKGTGGTDLMNFLKTVRSTTEKSLLKEG
;
_entity_poly.pdbx_strand_id   A,B
#
loop_
_chem_comp.id
_chem_comp.type
_chem_comp.name
_chem_comp.formula
QPV non-polymer 3-chloro-N-{4-[1-(propylcarbamoyl)cyclobutyl]phenyl}benzamide 'C21 H23 Cl N2 O2'
#
# COMPACT_ATOMS: atom_id res chain seq x y z
N MET A 1 -5.34 -8.91 -24.25
CA MET A 1 -6.26 -9.39 -23.16
C MET A 1 -5.56 -9.43 -21.80
N ILE A 2 -6.20 -8.87 -20.77
CA ILE A 2 -5.66 -8.83 -19.40
C ILE A 2 -5.75 -10.24 -18.79
N SER A 3 -4.75 -10.58 -17.97
CA SER A 3 -4.64 -11.90 -17.34
C SER A 3 -5.77 -12.11 -16.30
N LYS A 4 -6.31 -13.33 -16.28
CA LYS A 4 -7.43 -13.71 -15.39
C LYS A 4 -7.14 -13.63 -13.88
N GLU A 5 -5.85 -13.67 -13.51
CA GLU A 5 -5.39 -13.38 -12.13
C GLU A 5 -5.79 -12.00 -11.55
N TYR A 6 -6.03 -11.00 -12.40
CA TYR A 6 -6.53 -9.67 -11.94
C TYR A 6 -8.04 -9.55 -11.78
N HIS A 7 -8.83 -10.55 -12.19
CA HIS A 7 -10.29 -10.56 -12.04
C HIS A 7 -10.95 -9.28 -12.62
N ILE A 8 -10.52 -8.93 -13.82
CA ILE A 8 -11.07 -7.82 -14.59
C ILE A 8 -11.84 -8.48 -15.75
N ASP A 9 -13.14 -8.22 -15.79
CA ASP A 9 -14.01 -8.71 -16.86
C ASP A 9 -13.88 -7.80 -18.08
N GLU A 10 -13.97 -8.39 -19.27
CA GLU A 10 -13.97 -7.63 -20.54
C GLU A 10 -15.13 -6.62 -20.62
N GLU A 11 -16.33 -7.07 -20.27
CA GLU A 11 -17.55 -6.26 -20.35
C GLU A 11 -17.72 -5.28 -19.17
N VAL A 12 -17.62 -5.79 -17.94
CA VAL A 12 -17.91 -5.00 -16.72
C VAL A 12 -16.69 -4.53 -15.90
N GLY A 13 -15.47 -4.89 -16.33
CA GLY A 13 -14.25 -4.37 -15.73
C GLY A 13 -14.04 -4.89 -14.32
N PHE A 14 -13.88 -3.97 -13.37
CA PHE A 14 -13.74 -4.33 -11.96
C PHE A 14 -15.05 -4.79 -11.30
N ALA A 15 -16.20 -4.55 -11.92
CA ALA A 15 -17.47 -5.07 -11.39
C ALA A 15 -17.50 -6.59 -11.44
N LEU A 16 -18.22 -7.19 -10.49
CA LEU A 16 -18.40 -8.64 -10.44
C LEU A 16 -19.41 -9.01 -11.53
N PRO A 17 -18.99 -9.83 -12.53
CA PRO A 17 -19.95 -10.16 -13.60
C PRO A 17 -21.05 -11.07 -13.07
N ASN A 18 -22.28 -10.84 -13.54
CA ASN A 18 -23.48 -11.61 -13.16
C ASN A 18 -23.49 -12.04 -11.68
N PRO A 19 -23.62 -11.07 -10.74
CA PRO A 19 -23.55 -11.42 -9.31
C PRO A 19 -24.63 -12.40 -8.87
N GLN A 20 -24.32 -13.17 -7.84
CA GLN A 20 -25.28 -14.10 -7.26
C GLN A 20 -26.31 -13.30 -6.47
N GLU A 21 -27.59 -13.66 -6.60
N GLU A 21 -27.58 -13.67 -6.60
CA GLU A 21 -28.71 -13.01 -5.89
CA GLU A 21 -28.71 -13.02 -5.91
C GLU A 21 -29.15 -13.75 -4.63
C GLU A 21 -29.20 -13.75 -4.66
N ASN A 22 -29.15 -15.09 -4.67
CA ASN A 22 -29.60 -15.95 -3.55
C ASN A 22 -28.43 -16.74 -2.96
N LEU A 23 -28.40 -16.84 -1.63
CA LEU A 23 -27.45 -17.73 -0.93
C LEU A 23 -28.08 -19.13 -0.84
N PRO A 24 -27.28 -20.13 -0.41
CA PRO A 24 -27.87 -21.42 -0.02
C PRO A 24 -28.83 -21.29 1.17
N ASP A 25 -29.85 -22.15 1.19
CA ASP A 25 -30.95 -22.11 2.20
C ASP A 25 -30.50 -22.10 3.66
N PHE A 26 -29.33 -22.69 3.93
CA PHE A 26 -28.62 -22.56 5.22
C PHE A 26 -28.55 -21.12 5.77
N TYR A 27 -28.39 -20.15 4.87
CA TYR A 27 -28.32 -18.71 5.20
C TYR A 27 -29.62 -17.91 4.97
N ASN A 28 -30.78 -18.56 4.91
CA ASN A 28 -32.08 -17.85 4.75
C ASN A 28 -32.35 -16.81 5.85
N ASP A 29 -31.88 -17.07 7.07
CA ASP A 29 -32.00 -16.12 8.20
C ASP A 29 -31.22 -14.83 7.98
N TRP A 30 -30.05 -14.93 7.35
CA TRP A 30 -29.31 -13.74 6.90
C TRP A 30 -30.06 -12.98 5.82
N MET A 31 -30.53 -13.71 4.81
CA MET A 31 -31.15 -13.10 3.63
C MET A 31 -32.44 -12.35 3.94
N PHE A 32 -33.26 -12.89 4.84
CA PHE A 32 -34.51 -12.21 5.27
C PHE A 32 -34.20 -10.82 5.87
N ILE A 33 -33.21 -10.76 6.75
CA ILE A 33 -32.84 -9.51 7.43
C ILE A 33 -32.30 -8.52 6.41
N ALA A 34 -31.33 -8.95 5.60
CA ALA A 34 -30.72 -8.08 4.57
C ALA A 34 -31.72 -7.57 3.53
N LYS A 35 -32.66 -8.41 3.11
CA LYS A 35 -33.73 -8.00 2.17
C LYS A 35 -34.81 -7.07 2.76
N HIS A 36 -34.90 -6.96 4.09
CA HIS A 36 -35.93 -6.16 4.76
C HIS A 36 -35.35 -5.16 5.76
N LEU A 37 -34.17 -4.61 5.47
CA LEU A 37 -33.59 -3.57 6.32
C LEU A 37 -34.48 -2.31 6.44
N PRO A 38 -35.10 -1.83 5.33
CA PRO A 38 -36.01 -0.67 5.48
C PRO A 38 -37.13 -0.90 6.51
N ASP A 39 -37.73 -2.10 6.47
CA ASP A 39 -38.91 -2.45 7.26
C ASP A 39 -38.54 -2.74 8.70
N LEU A 40 -37.50 -3.55 8.90
CA LEU A 40 -37.01 -3.90 10.25
C LEU A 40 -36.42 -2.72 10.99
N ILE A 41 -35.73 -1.80 10.29
CA ILE A 41 -35.23 -0.56 10.92
C ILE A 41 -36.41 0.31 11.43
N GLU A 42 -37.40 0.54 10.57
CA GLU A 42 -38.57 1.37 10.95
C GLU A 42 -39.41 0.78 12.09
N SER A 43 -39.61 -0.54 12.07
CA SER A 43 -40.34 -1.25 13.14
C SER A 43 -39.57 -1.38 14.47
N GLY A 44 -38.28 -1.04 14.49
CA GLY A 44 -37.45 -1.16 15.68
C GLY A 44 -37.16 -2.61 16.05
N GLN A 45 -37.16 -3.50 15.06
CA GLN A 45 -36.92 -4.93 15.24
C GLN A 45 -35.63 -5.44 14.61
N LEU A 46 -34.88 -4.58 13.88
CA LEU A 46 -33.66 -5.02 13.20
C LEU A 46 -32.65 -5.62 14.17
N ARG A 47 -32.30 -4.86 15.20
CA ARG A 47 -31.31 -5.27 16.19
C ARG A 47 -31.71 -6.53 16.97
N GLU A 48 -33.00 -6.63 17.32
CA GLU A 48 -33.60 -7.86 17.89
C GLU A 48 -33.41 -9.07 16.98
N ARG A 49 -33.77 -8.91 15.69
CA ARG A 49 -33.66 -9.98 14.69
C ARG A 49 -32.22 -10.47 14.47
N VAL A 50 -31.27 -9.53 14.44
CA VAL A 50 -29.83 -9.82 14.33
C VAL A 50 -29.33 -10.57 15.58
N GLU A 51 -29.66 -10.04 16.76
CA GLU A 51 -29.30 -10.66 18.05
C GLU A 51 -29.87 -12.08 18.29
N LYS A 52 -30.99 -12.41 17.65
CA LYS A 52 -31.59 -13.76 17.73
C LYS A 52 -31.12 -14.78 16.66
N LEU A 53 -30.18 -14.37 15.79
CA LEU A 53 -29.51 -15.30 14.87
C LEU A 53 -28.61 -16.28 15.65
N ASN A 54 -28.53 -17.50 15.15
CA ASN A 54 -27.47 -18.45 15.52
C ASN A 54 -26.20 -18.11 14.74
N MET A 55 -25.04 -18.50 15.27
CA MET A 55 -23.76 -18.36 14.57
C MET A 55 -23.68 -19.41 13.47
N LEU A 56 -23.88 -18.96 12.22
CA LEU A 56 -23.82 -19.83 11.05
C LEU A 56 -22.37 -19.94 10.57
N SER A 57 -21.97 -21.16 10.21
CA SER A 57 -20.67 -21.43 9.60
C SER A 57 -20.61 -20.86 8.19
N ILE A 58 -19.44 -20.36 7.79
CA ILE A 58 -19.19 -19.92 6.39
C ILE A 58 -18.82 -21.04 5.40
N ASP A 59 -18.69 -22.29 5.87
CA ASP A 59 -18.23 -23.42 5.03
C ASP A 59 -19.17 -23.79 3.87
N HIS A 60 -20.46 -23.46 4.00
CA HIS A 60 -21.46 -23.69 2.93
C HIS A 60 -21.43 -22.60 1.82
N LEU A 61 -20.61 -21.57 1.98
CA LEU A 61 -20.30 -20.60 0.92
C LEU A 61 -19.12 -21.13 0.09
N THR A 62 -19.43 -21.94 -0.91
CA THR A 62 -18.44 -22.78 -1.61
C THR A 62 -17.61 -22.07 -2.68
N ASP A 63 -18.21 -21.11 -3.39
CA ASP A 63 -17.57 -20.39 -4.51
C ASP A 63 -17.45 -18.87 -4.25
N HIS A 64 -16.71 -18.20 -5.13
CA HIS A 64 -16.41 -16.76 -4.98
C HIS A 64 -17.65 -15.86 -4.97
N LYS A 65 -18.56 -16.12 -5.90
CA LYS A 65 -19.81 -15.34 -6.03
C LYS A 65 -20.72 -15.45 -4.81
N SER A 66 -20.86 -16.66 -4.25
CA SER A 66 -21.62 -16.86 -3.00
C SER A 66 -20.93 -16.18 -1.80
N GLN A 67 -19.60 -16.22 -1.77
CA GLN A 67 -18.83 -15.50 -0.74
C GLN A 67 -18.96 -13.98 -0.85
N ARG A 68 -18.99 -13.47 -2.08
CA ARG A 68 -19.19 -12.03 -2.34
C ARG A 68 -20.59 -11.55 -2.00
N LEU A 69 -21.60 -12.35 -2.33
CA LEU A 69 -23.00 -12.08 -1.91
C LEU A 69 -23.14 -12.08 -0.39
N ALA A 70 -22.56 -13.09 0.27
CA ALA A 70 -22.60 -13.17 1.74
C ALA A 70 -21.93 -11.95 2.41
N ARG A 71 -20.81 -11.51 1.86
CA ARG A 71 -20.16 -10.25 2.28
C ARG A 71 -21.09 -9.02 2.16
N LEU A 72 -21.79 -8.93 1.03
CA LEU A 72 -22.76 -7.85 0.78
C LEU A 72 -23.91 -7.90 1.81
N VAL A 73 -24.45 -9.10 2.00
CA VAL A 73 -25.53 -9.39 2.96
C VAL A 73 -25.10 -9.00 4.38
N LEU A 74 -23.97 -9.56 4.82
CA LEU A 74 -23.44 -9.27 6.16
C LEU A 74 -23.00 -7.82 6.36
N GLY A 75 -22.45 -7.19 5.33
CA GLY A 75 -22.06 -5.79 5.38
C GLY A 75 -23.25 -4.86 5.55
N CYS A 76 -24.32 -5.11 4.79
CA CYS A 76 -25.55 -4.32 4.89
C CYS A 76 -26.21 -4.48 6.25
N ILE A 77 -26.30 -5.72 6.72
CA ILE A 77 -26.78 -6.02 8.08
C ILE A 77 -25.94 -5.27 9.12
N THR A 78 -24.61 -5.30 8.98
CA THR A 78 -23.72 -4.60 9.93
C THR A 78 -23.95 -3.08 9.98
N MET A 79 -24.11 -2.45 8.82
CA MET A 79 -24.36 -0.99 8.79
C MET A 79 -25.69 -0.66 9.48
N ALA A 80 -26.72 -1.43 9.14
CA ALA A 80 -28.05 -1.30 9.77
C ALA A 80 -28.02 -1.50 11.28
N TYR A 81 -27.27 -2.51 11.72
CA TYR A 81 -27.12 -2.80 13.15
C TYR A 81 -26.40 -1.67 13.89
N VAL A 82 -25.27 -1.20 13.34
CA VAL A 82 -24.48 -0.15 13.99
C VAL A 82 -25.23 1.19 14.00
N TRP A 83 -25.76 1.59 12.85
CA TRP A 83 -26.39 2.93 12.70
C TRP A 83 -27.86 3.01 13.07
N GLY A 84 -28.58 1.88 13.04
CA GLY A 84 -29.98 1.80 13.47
C GLY A 84 -30.87 2.64 12.57
N LYS A 85 -31.67 3.53 13.18
CA LYS A 85 -32.51 4.49 12.44
C LYS A 85 -31.76 5.71 11.87
N GLY A 86 -30.47 5.84 12.20
CA GLY A 86 -29.61 6.87 11.60
C GLY A 86 -29.71 8.23 12.24
N HIS A 87 -30.07 8.27 13.53
CA HIS A 87 -30.25 9.53 14.30
C HIS A 87 -29.49 9.50 15.63
N GLY A 88 -28.32 8.84 15.66
CA GLY A 88 -27.43 8.85 16.84
C GLY A 88 -27.52 7.71 17.83
N ASP A 89 -28.60 6.92 17.79
CA ASP A 89 -28.73 5.72 18.65
C ASP A 89 -27.95 4.59 17.99
N VAL A 90 -26.66 4.50 18.35
CA VAL A 90 -25.69 3.57 17.73
C VAL A 90 -25.44 2.31 18.56
N ARG A 91 -24.77 1.33 17.95
CA ARG A 91 -24.25 0.14 18.64
C ARG A 91 -22.75 0.02 18.35
N LYS A 92 -21.96 -0.13 19.42
CA LYS A 92 -20.48 -0.18 19.35
C LYS A 92 -19.91 -1.60 19.46
N VAL A 93 -20.77 -2.61 19.65
CA VAL A 93 -20.39 -4.01 19.65
C VAL A 93 -21.26 -4.70 18.61
N LEU A 94 -20.61 -5.31 17.62
CA LEU A 94 -21.27 -6.18 16.67
C LEU A 94 -21.32 -7.58 17.32
N PRO A 95 -22.53 -8.13 17.58
CA PRO A 95 -22.66 -9.44 18.26
C PRO A 95 -21.93 -10.58 17.55
N ARG A 96 -21.41 -11.53 18.31
CA ARG A 96 -20.56 -12.62 17.80
C ARG A 96 -21.19 -13.47 16.70
N ASN A 97 -22.50 -13.74 16.83
CA ASN A 97 -23.28 -14.51 15.84
C ASN A 97 -23.16 -14.02 14.40
N ILE A 98 -23.05 -12.70 14.23
CA ILE A 98 -22.79 -12.06 12.94
C ILE A 98 -21.29 -11.70 12.74
N ALA A 99 -20.65 -11.15 13.78
CA ALA A 99 -19.26 -10.67 13.74
C ALA A 99 -18.21 -11.72 13.39
N VAL A 100 -18.34 -12.92 13.97
CA VAL A 100 -17.40 -14.03 13.74
C VAL A 100 -17.42 -14.51 12.26
N PRO A 101 -18.60 -14.94 11.73
CA PRO A 101 -18.60 -15.34 10.31
C PRO A 101 -18.31 -14.22 9.31
N TYR A 102 -18.66 -12.98 9.66
CA TYR A 102 -18.34 -11.83 8.81
C TYR A 102 -16.83 -11.62 8.71
N CYS A 103 -16.18 -11.61 9.87
CA CYS A 103 -14.71 -11.49 9.95
C CYS A 103 -13.95 -12.67 9.31
N GLN A 104 -14.47 -13.89 9.49
CA GLN A 104 -13.91 -15.09 8.84
C GLN A 104 -14.00 -15.02 7.32
N LEU A 105 -15.19 -14.65 6.83
CA LEU A 105 -15.42 -14.45 5.39
C LEU A 105 -14.57 -13.31 4.84
N SER A 106 -14.49 -12.22 5.60
CA SER A 106 -13.67 -11.04 5.24
C SER A 106 -12.18 -11.37 5.15
N LYS A 107 -11.65 -12.12 6.12
CA LYS A 107 -10.25 -12.64 6.08
C LYS A 107 -9.98 -13.51 4.84
N LYS A 108 -10.94 -14.39 4.51
CA LYS A 108 -10.86 -15.27 3.32
C LYS A 108 -10.75 -14.51 2.00
N LEU A 109 -11.57 -13.45 1.86
CA LEU A 109 -11.55 -12.57 0.68
C LEU A 109 -10.54 -11.40 0.73
N GLU A 110 -9.82 -11.24 1.85
CA GLU A 110 -8.80 -10.19 2.07
C GLU A 110 -9.39 -8.77 1.95
N LEU A 111 -10.61 -8.62 2.49
CA LEU A 111 -11.32 -7.35 2.54
C LEU A 111 -11.59 -7.07 4.01
N PRO A 112 -11.69 -5.79 4.42
CA PRO A 112 -11.98 -5.52 5.82
C PRO A 112 -13.46 -5.84 6.15
N PRO A 113 -13.80 -6.12 7.42
CA PRO A 113 -15.18 -6.43 7.82
C PRO A 113 -16.04 -5.16 7.98
N ILE A 114 -16.24 -4.47 6.87
CA ILE A 114 -17.08 -3.29 6.73
C ILE A 114 -17.58 -3.31 5.28
N LEU A 115 -18.74 -2.73 5.03
CA LEU A 115 -19.30 -2.65 3.69
C LEU A 115 -18.40 -1.71 2.90
N VAL A 116 -17.86 -2.21 1.80
CA VAL A 116 -17.00 -1.44 0.89
C VAL A 116 -17.71 -1.28 -0.46
N TYR A 117 -17.14 -0.42 -1.28
CA TYR A 117 -17.56 -0.18 -2.67
C TYR A 117 -17.72 -1.48 -3.47
N ALA A 118 -16.73 -2.39 -3.36
CA ALA A 118 -16.81 -3.73 -4.00
C ALA A 118 -18.03 -4.60 -3.61
N ASP A 119 -18.56 -4.38 -2.41
CA ASP A 119 -19.82 -5.00 -1.96
C ASP A 119 -21.03 -4.23 -2.53
N CYS A 120 -21.18 -2.98 -2.12
CA CYS A 120 -22.44 -2.22 -2.33
C CYS A 120 -22.62 -1.66 -3.74
N VAL A 121 -21.55 -1.61 -4.54
CA VAL A 121 -21.65 -1.29 -5.98
C VAL A 121 -21.33 -2.50 -6.86
N LEU A 122 -20.11 -3.04 -6.73
CA LEU A 122 -19.60 -4.03 -7.70
C LEU A 122 -20.30 -5.39 -7.67
N ALA A 123 -20.80 -5.79 -6.50
CA ALA A 123 -21.53 -7.06 -6.33
C ALA A 123 -23.05 -6.89 -6.11
N ASN A 124 -23.54 -5.66 -6.01
CA ASN A 124 -24.91 -5.35 -5.56
C ASN A 124 -25.75 -4.98 -6.76
N TRP A 125 -25.86 -5.91 -7.71
CA TRP A 125 -26.62 -5.66 -8.92
C TRP A 125 -27.08 -6.92 -9.64
N LYS A 126 -28.07 -6.71 -10.51
CA LYS A 126 -28.56 -7.73 -11.42
C LYS A 126 -29.10 -7.11 -12.70
N LYS A 127 -29.13 -7.92 -13.76
CA LYS A 127 -29.94 -7.63 -14.95
C LYS A 127 -31.38 -8.03 -14.65
N LYS A 128 -32.34 -7.20 -15.04
CA LYS A 128 -33.77 -7.54 -14.95
C LYS A 128 -34.09 -8.65 -15.96
N ASP A 129 -33.76 -8.36 -17.22
CA ASP A 129 -33.80 -9.31 -18.34
C ASP A 129 -32.32 -9.61 -18.72
N PRO A 130 -31.84 -10.85 -18.47
CA PRO A 130 -30.49 -11.28 -18.91
C PRO A 130 -30.15 -11.14 -20.40
N ASN A 131 -31.15 -11.19 -21.27
CA ASN A 131 -30.97 -11.01 -22.73
C ASN A 131 -30.84 -9.56 -23.21
N LYS A 132 -31.29 -8.60 -22.40
CA LYS A 132 -31.17 -7.14 -22.70
C LYS A 132 -29.85 -6.56 -22.13
N PRO A 133 -29.36 -5.43 -22.70
CA PRO A 133 -28.01 -4.96 -22.34
C PRO A 133 -27.88 -4.31 -20.94
N LEU A 134 -26.66 -3.90 -20.61
CA LEU A 134 -26.34 -3.23 -19.34
C LEU A 134 -26.63 -1.72 -19.46
N THR A 135 -27.92 -1.40 -19.36
CA THR A 135 -28.41 -0.03 -19.28
C THR A 135 -29.20 0.09 -17.99
N TYR A 136 -29.41 1.33 -17.56
CA TYR A 136 -30.04 1.61 -16.27
C TYR A 136 -31.42 0.95 -16.13
N GLU A 137 -32.23 1.08 -17.17
CA GLU A 137 -33.60 0.53 -17.16
C GLU A 137 -33.67 -0.99 -17.09
N ASN A 138 -32.63 -1.68 -17.57
CA ASN A 138 -32.53 -3.15 -17.43
C ASN A 138 -31.74 -3.62 -16.20
N MET A 139 -31.54 -2.76 -15.20
CA MET A 139 -30.72 -3.09 -14.03
C MET A 139 -31.40 -2.70 -12.72
N ASP A 140 -31.04 -3.43 -11.66
CA ASP A 140 -31.48 -3.12 -10.30
C ASP A 140 -30.37 -3.47 -9.31
N VAL A 141 -30.48 -2.94 -8.10
CA VAL A 141 -29.62 -3.33 -6.97
C VAL A 141 -30.28 -4.46 -6.22
N LEU A 142 -29.48 -5.15 -5.42
CA LEU A 142 -29.95 -6.27 -4.60
C LEU A 142 -30.39 -5.85 -3.21
N PHE A 143 -29.73 -4.84 -2.62
CA PHE A 143 -30.02 -4.38 -1.25
C PHE A 143 -30.01 -2.87 -1.13
N SER A 144 -30.95 -2.36 -0.33
CA SER A 144 -31.03 -0.96 0.10
C SER A 144 -31.10 -0.91 1.62
N PHE A 145 -30.96 0.28 2.20
CA PHE A 145 -31.03 0.46 3.66
C PHE A 145 -32.38 0.94 4.14
N ARG A 146 -32.87 2.02 3.53
CA ARG A 146 -34.12 2.67 3.91
C ARG A 146 -34.97 3.01 2.69
N ASP A 147 -36.28 3.07 2.90
N ASP A 147 -36.28 3.07 2.90
CA ASP A 147 -37.22 3.51 1.88
CA ASP A 147 -37.23 3.50 1.88
C ASP A 147 -36.90 4.94 1.49
C ASP A 147 -36.90 4.94 1.49
N GLY A 148 -36.79 5.19 0.18
CA GLY A 148 -36.43 6.51 -0.34
C GLY A 148 -34.98 6.93 -0.14
N ASP A 149 -34.07 5.99 0.17
CA ASP A 149 -32.64 6.35 0.34
C ASP A 149 -31.86 6.64 -0.95
N CYS A 150 -32.46 6.38 -2.13
CA CYS A 150 -31.81 6.53 -3.44
C CYS A 150 -30.55 5.66 -3.60
N SER A 151 -30.51 4.53 -2.90
CA SER A 151 -29.38 3.60 -2.98
C SER A 151 -29.30 2.97 -4.36
N LYS A 152 -30.45 2.68 -4.98
CA LYS A 152 -30.49 2.17 -6.35
C LYS A 152 -29.77 3.11 -7.29
N GLY A 153 -30.20 4.37 -7.33
CA GLY A 153 -29.57 5.40 -8.17
C GLY A 153 -28.08 5.61 -7.90
N PHE A 154 -27.75 5.73 -6.62
CA PHE A 154 -26.37 6.01 -6.18
C PHE A 154 -25.42 4.88 -6.56
N PHE A 155 -25.83 3.65 -6.25
CA PHE A 155 -25.05 2.47 -6.58
C PHE A 155 -25.01 2.13 -8.07
N LEU A 156 -26.17 2.13 -8.74
N LEU A 156 -26.16 2.14 -8.73
CA LEU A 156 -26.23 1.74 -10.17
CA LEU A 156 -26.27 1.74 -10.15
C LEU A 156 -25.53 2.72 -11.10
C LEU A 156 -25.56 2.71 -11.10
N VAL A 157 -25.68 4.01 -10.85
CA VAL A 157 -24.96 5.04 -11.64
C VAL A 157 -23.45 4.89 -11.41
N SER A 158 -23.04 4.69 -10.15
CA SER A 158 -21.63 4.34 -9.85
C SER A 158 -21.15 3.11 -10.62
N LEU A 159 -21.98 2.07 -10.64
CA LEU A 159 -21.69 0.84 -11.40
C LEU A 159 -21.60 1.09 -12.92
N LEU A 160 -22.53 1.87 -13.46
CA LEU A 160 -22.52 2.18 -14.90
C LEU A 160 -21.28 2.99 -15.33
N VAL A 161 -20.80 3.89 -14.47
CA VAL A 161 -19.52 4.59 -14.68
C VAL A 161 -18.36 3.57 -14.68
N GLU A 162 -18.36 2.70 -13.67
CA GLU A 162 -17.43 1.57 -13.57
C GLU A 162 -17.42 0.70 -14.85
N ILE A 163 -18.61 0.38 -15.37
CA ILE A 163 -18.74 -0.43 -16.59
C ILE A 163 -18.28 0.35 -17.83
N ALA A 164 -18.66 1.63 -17.93
CA ALA A 164 -18.16 2.52 -19.00
C ALA A 164 -16.63 2.57 -19.06
N ALA A 165 -16.00 2.64 -17.89
CA ALA A 165 -14.53 2.64 -17.77
C ALA A 165 -13.86 1.32 -18.17
N ALA A 166 -14.58 0.18 -18.11
CA ALA A 166 -14.08 -1.12 -18.60
C ALA A 166 -13.59 -1.12 -20.06
N SER A 167 -14.25 -0.34 -20.92
CA SER A 167 -13.80 -0.12 -22.29
C SER A 167 -12.43 0.56 -22.41
N ALA A 168 -12.08 1.42 -21.45
CA ALA A 168 -10.72 1.98 -21.31
C ALA A 168 -9.72 0.97 -20.73
N ILE A 169 -10.14 0.22 -19.69
CA ILE A 169 -9.26 -0.77 -19.01
C ILE A 169 -8.68 -1.80 -20.00
N LYS A 170 -9.51 -2.30 -20.91
CA LYS A 170 -9.07 -3.32 -21.89
C LYS A 170 -8.01 -2.84 -22.92
N VAL A 171 -7.84 -1.52 -23.06
CA VAL A 171 -6.80 -0.90 -23.89
C VAL A 171 -5.43 -0.85 -23.18
N ILE A 172 -5.38 -1.00 -21.84
CA ILE A 172 -4.12 -0.85 -21.08
C ILE A 172 -2.97 -1.77 -21.56
N PRO A 173 -3.22 -3.08 -21.82
CA PRO A 173 -2.20 -3.95 -22.43
C PRO A 173 -1.62 -3.46 -23.77
N THR A 174 -2.48 -2.92 -24.64
CA THR A 174 -2.07 -2.28 -25.91
C THR A 174 -1.08 -1.12 -25.70
N VAL A 175 -1.31 -0.32 -24.66
CA VAL A 175 -0.45 0.83 -24.32
C VAL A 175 0.97 0.35 -23.99
N PHE A 176 1.07 -0.59 -23.05
CA PHE A 176 2.39 -1.10 -22.62
C PHE A 176 3.11 -1.91 -23.70
N LYS A 177 2.35 -2.69 -24.48
CA LYS A 177 2.90 -3.43 -25.62
C LYS A 177 3.45 -2.49 -26.70
N ALA A 178 2.66 -1.46 -27.04
CA ALA A 178 3.10 -0.41 -27.99
C ALA A 178 4.38 0.30 -27.56
N MET A 179 4.51 0.59 -26.25
CA MET A 179 5.73 1.18 -25.70
C MET A 179 6.94 0.25 -25.77
N GLN A 180 6.73 -1.01 -25.36
CA GLN A 180 7.75 -2.07 -25.47
C GLN A 180 8.25 -2.26 -26.91
N MET A 181 7.31 -2.44 -27.82
N MET A 181 7.32 -2.44 -27.83
CA MET A 181 7.59 -2.61 -29.25
CA MET A 181 7.62 -2.62 -29.25
C MET A 181 8.02 -1.35 -30.02
C MET A 181 8.00 -1.34 -30.03
N GLN A 182 7.90 -0.17 -29.40
CA GLN A 182 8.17 1.15 -30.04
C GLN A 182 7.24 1.36 -31.25
N GLU A 183 5.94 1.27 -30.99
CA GLU A 183 4.89 1.37 -31.99
C GLU A 183 4.14 2.67 -31.68
N ARG A 184 4.71 3.78 -32.15
CA ARG A 184 4.21 5.14 -31.89
C ARG A 184 2.73 5.32 -32.29
N ASP A 185 2.39 4.93 -33.52
CA ASP A 185 1.02 5.08 -34.05
C ASP A 185 -0.02 4.27 -33.25
N THR A 186 0.34 3.04 -32.91
CA THR A 186 -0.47 2.17 -32.05
C THR A 186 -0.70 2.80 -30.68
N LEU A 187 0.37 3.33 -30.08
CA LEU A 187 0.28 4.02 -28.78
C LEU A 187 -0.63 5.25 -28.85
N LEU A 188 -0.44 6.07 -29.88
CA LEU A 188 -1.27 7.26 -30.11
C LEU A 188 -2.76 6.88 -30.18
N LYS A 189 -3.06 5.86 -31.00
CA LYS A 189 -4.43 5.33 -31.15
C LYS A 189 -5.03 4.80 -29.84
N ALA A 190 -4.21 4.07 -29.06
CA ALA A 190 -4.61 3.53 -27.76
C ALA A 190 -4.98 4.62 -26.76
N LEU A 191 -4.12 5.63 -26.66
CA LEU A 191 -4.39 6.81 -25.82
C LEU A 191 -5.66 7.56 -26.22
N LEU A 192 -5.86 7.79 -27.52
CA LEU A 192 -7.13 8.41 -27.98
C LEU A 192 -8.38 7.59 -27.64
N GLU A 193 -8.27 6.26 -27.74
CA GLU A 193 -9.36 5.34 -27.37
C GLU A 193 -9.69 5.42 -25.87
N ILE A 194 -8.66 5.43 -25.02
CA ILE A 194 -8.82 5.60 -23.56
C ILE A 194 -9.52 6.93 -23.24
N ALA A 195 -9.06 8.01 -23.87
CA ALA A 195 -9.67 9.35 -23.69
C ALA A 195 -11.14 9.33 -24.06
N SER A 196 -11.46 8.76 -25.23
CA SER A 196 -12.85 8.57 -25.70
C SER A 196 -13.73 7.79 -24.72
N CYS A 197 -13.20 6.69 -24.19
CA CYS A 197 -13.89 5.88 -23.17
C CYS A 197 -14.11 6.61 -21.85
N LEU A 198 -13.11 7.38 -21.39
CA LEU A 198 -13.27 8.21 -20.17
C LEU A 198 -14.26 9.39 -20.37
N GLU A 199 -14.31 9.95 -21.57
CA GLU A 199 -15.36 10.92 -21.95
C GLU A 199 -16.77 10.31 -21.89
N LYS A 200 -16.93 9.10 -22.40
N LYS A 200 -16.93 9.10 -22.40
CA LYS A 200 -18.19 8.34 -22.30
CA LYS A 200 -18.19 8.34 -22.30
C LYS A 200 -18.59 8.04 -20.85
C LYS A 200 -18.58 8.04 -20.85
N ALA A 201 -17.60 7.66 -20.02
CA ALA A 201 -17.82 7.50 -18.55
C ALA A 201 -18.35 8.75 -17.85
N LEU A 202 -17.85 9.92 -18.24
CA LEU A 202 -18.39 11.21 -17.76
C LEU A 202 -19.85 11.42 -18.16
N GLN A 203 -20.19 11.10 -19.41
CA GLN A 203 -21.59 11.20 -19.87
C GLN A 203 -22.52 10.25 -19.11
N VAL A 204 -22.04 9.06 -18.80
CA VAL A 204 -22.79 8.11 -17.95
C VAL A 204 -23.02 8.65 -16.53
N PHE A 205 -21.98 9.26 -15.95
CA PHE A 205 -22.02 9.96 -14.64
C PHE A 205 -23.18 10.99 -14.54
N HIS A 206 -23.50 11.66 -15.66
CA HIS A 206 -24.63 12.65 -15.71
C HIS A 206 -26.01 12.10 -15.29
N GLN A 207 -26.22 10.80 -15.44
CA GLN A 207 -27.43 10.11 -14.99
C GLN A 207 -27.74 10.18 -13.49
N ILE A 208 -26.75 10.51 -12.64
CA ILE A 208 -26.94 10.62 -11.18
C ILE A 208 -28.11 11.54 -10.77
N HIS A 209 -28.28 12.65 -11.50
CA HIS A 209 -29.33 13.65 -11.20
C HIS A 209 -30.76 13.10 -11.32
N ASP A 210 -30.98 12.20 -12.27
CA ASP A 210 -32.30 11.57 -12.47
C ASP A 210 -32.69 10.54 -11.39
N HIS A 211 -31.73 10.02 -10.64
CA HIS A 211 -31.96 8.87 -9.73
C HIS A 211 -31.62 9.07 -8.25
N VAL A 212 -31.09 10.24 -7.89
CA VAL A 212 -30.73 10.56 -6.51
C VAL A 212 -31.16 11.99 -6.25
N ASN A 213 -31.85 12.22 -5.13
CA ASN A 213 -32.14 13.59 -4.66
C ASN A 213 -31.21 13.94 -3.49
N PRO A 214 -30.78 15.23 -3.37
CA PRO A 214 -29.83 15.66 -2.33
C PRO A 214 -30.20 15.38 -0.88
N LYS A 215 -31.44 15.70 -0.51
CA LYS A 215 -31.93 15.52 0.87
C LYS A 215 -31.80 14.05 1.30
N ALA A 216 -32.32 13.16 0.45
CA ALA A 216 -32.28 11.71 0.67
C ALA A 216 -30.86 11.18 0.81
N PHE A 217 -29.95 11.60 -0.08
CA PHE A 217 -28.57 11.15 0.01
C PHE A 217 -27.87 11.65 1.28
N PHE A 218 -27.91 12.95 1.50
CA PHE A 218 -27.24 13.59 2.63
C PHE A 218 -27.76 13.13 3.99
N SER A 219 -29.08 13.14 4.14
CA SER A 219 -29.73 12.87 5.44
C SER A 219 -29.92 11.37 5.74
N VAL A 220 -29.95 10.52 4.70
CA VAL A 220 -30.22 9.05 4.86
C VAL A 220 -29.03 8.20 4.39
N LEU A 221 -28.79 8.11 3.08
CA LEU A 221 -27.82 7.12 2.54
C LEU A 221 -26.39 7.30 3.05
N ARG A 222 -25.95 8.56 3.14
CA ARG A 222 -24.62 8.90 3.66
C ARG A 222 -24.36 8.41 5.11
N ILE A 223 -25.43 8.36 5.92
CA ILE A 223 -25.38 7.85 7.31
C ILE A 223 -25.04 6.35 7.29
N TYR A 224 -25.74 5.58 6.47
CA TYR A 224 -25.54 4.11 6.40
C TYR A 224 -24.21 3.68 5.79
N LEU A 225 -23.65 4.48 4.88
CA LEU A 225 -22.35 4.19 4.28
C LEU A 225 -21.17 4.62 5.17
N SER A 226 -21.42 5.40 6.23
CA SER A 226 -20.37 5.89 7.12
C SER A 226 -19.68 4.75 7.88
N GLY A 227 -18.39 4.95 8.12
CA GLY A 227 -17.58 3.97 8.81
C GLY A 227 -17.30 4.38 10.24
N TRP A 228 -16.28 3.75 10.80
CA TRP A 228 -15.85 3.97 12.17
C TRP A 228 -14.35 4.18 12.22
N LYS A 229 -13.88 5.17 11.45
CA LYS A 229 -12.48 5.61 11.46
C LYS A 229 -12.48 7.13 11.58
N GLY A 230 -11.94 7.63 12.71
CA GLY A 230 -12.02 9.04 13.06
C GLY A 230 -13.43 9.58 13.21
N ASN A 231 -14.36 8.72 13.64
CA ASN A 231 -15.78 9.04 13.75
C ASN A 231 -16.09 9.23 15.25
N PRO A 232 -16.46 10.46 15.68
CA PRO A 232 -16.90 10.72 17.08
C PRO A 232 -17.99 9.81 17.67
N GLN A 233 -18.89 9.32 16.83
CA GLN A 233 -19.97 8.39 17.26
C GLN A 233 -19.48 6.99 17.69
N LEU A 234 -18.40 6.50 17.07
CA LEU A 234 -17.69 5.28 17.50
C LEU A 234 -16.19 5.63 17.58
N SER A 235 -15.84 6.36 18.63
CA SER A 235 -14.49 6.96 18.80
C SER A 235 -13.32 5.99 18.75
N ASP A 236 -13.51 4.78 19.27
CA ASP A 236 -12.50 3.70 19.30
C ASP A 236 -12.60 2.67 18.16
N GLY A 237 -13.59 2.82 17.28
CA GLY A 237 -13.94 1.80 16.29
C GLY A 237 -15.06 0.90 16.76
N LEU A 238 -15.23 -0.22 16.06
CA LEU A 238 -16.27 -1.21 16.34
C LEU A 238 -15.64 -2.46 16.95
N VAL A 239 -16.26 -2.98 18.02
CA VAL A 239 -15.87 -4.29 18.59
C VAL A 239 -16.54 -5.39 17.76
N TYR A 240 -15.72 -6.26 17.18
CA TYR A 240 -16.18 -7.46 16.48
C TYR A 240 -16.12 -8.57 17.52
N GLU A 241 -17.27 -8.81 18.16
CA GLU A 241 -17.35 -9.64 19.38
C GLU A 241 -16.97 -11.07 19.09
N GLY A 242 -16.02 -11.59 19.88
CA GLY A 242 -15.54 -12.97 19.70
C GLY A 242 -14.56 -13.23 18.56
N PHE A 243 -14.12 -12.19 17.84
CA PHE A 243 -13.08 -12.32 16.80
C PHE A 243 -11.81 -11.57 17.21
N TRP A 244 -11.94 -10.28 17.48
CA TRP A 244 -10.84 -9.45 17.99
C TRP A 244 -11.17 -8.92 19.37
N GLU A 245 -10.14 -8.85 20.20
CA GLU A 245 -10.21 -8.33 21.56
C GLU A 245 -10.52 -6.83 21.60
N ASP A 246 -9.79 -6.06 20.80
CA ASP A 246 -9.88 -4.59 20.79
C ASP A 246 -10.80 -4.13 19.65
N PRO A 247 -11.43 -2.94 19.80
CA PRO A 247 -12.22 -2.42 18.68
C PRO A 247 -11.30 -2.02 17.52
N LYS A 248 -11.80 -2.17 16.29
CA LYS A 248 -11.06 -1.88 15.06
C LYS A 248 -11.74 -0.77 14.29
N GLU A 249 -10.94 0.17 13.77
CA GLU A 249 -11.41 1.27 12.95
C GLU A 249 -11.30 0.94 11.47
N PHE A 250 -12.38 1.19 10.72
CA PHE A 250 -12.40 1.03 9.25
C PHE A 250 -13.17 2.19 8.64
N ALA A 251 -12.66 2.69 7.51
CA ALA A 251 -13.33 3.74 6.75
C ALA A 251 -14.61 3.22 6.09
N GLY A 252 -15.55 4.13 5.90
CA GLY A 252 -16.82 3.83 5.24
C GLY A 252 -16.69 3.75 3.73
N GLY A 253 -17.77 3.27 3.10
CA GLY A 253 -17.81 3.05 1.65
C GLY A 253 -17.75 4.36 0.89
N SER A 254 -16.93 4.41 -0.17
CA SER A 254 -16.81 5.62 -1.00
C SER A 254 -16.25 5.35 -2.38
N ALA A 255 -16.38 6.36 -3.26
CA ALA A 255 -15.83 6.29 -4.62
C ALA A 255 -14.30 6.20 -4.66
N GLY A 256 -13.61 6.67 -3.61
CA GLY A 256 -12.16 6.45 -3.45
C GLY A 256 -11.70 4.99 -3.38
N GLN A 257 -12.62 4.07 -3.07
CA GLN A 257 -12.39 2.63 -3.15
C GLN A 257 -12.55 2.00 -4.53
N SER A 258 -13.12 2.75 -5.49
CA SER A 258 -13.18 2.30 -6.90
C SER A 258 -11.77 2.20 -7.47
N SER A 259 -11.49 1.09 -8.14
CA SER A 259 -10.19 0.91 -8.78
C SER A 259 -9.99 1.84 -10.00
N VAL A 260 -11.07 2.13 -10.74
CA VAL A 260 -11.01 3.14 -11.83
C VAL A 260 -10.85 4.59 -11.36
N PHE A 261 -11.22 4.86 -10.11
CA PHE A 261 -10.98 6.17 -9.46
C PHE A 261 -9.49 6.50 -9.37
N GLN A 262 -8.59 5.49 -9.37
CA GLN A 262 -7.15 5.74 -9.49
C GLN A 262 -6.35 5.01 -10.56
N CYS A 263 -6.89 3.99 -11.25
CA CYS A 263 -6.04 3.20 -12.18
C CYS A 263 -5.55 4.00 -13.39
N PHE A 264 -6.34 4.97 -13.85
CA PHE A 264 -5.92 5.81 -14.98
C PHE A 264 -4.94 6.88 -14.55
N ASP A 265 -5.06 7.38 -13.31
CA ASP A 265 -4.02 8.23 -12.72
C ASP A 265 -2.68 7.48 -12.65
N VAL A 266 -2.73 6.22 -12.22
CA VAL A 266 -1.54 5.36 -12.15
C VAL A 266 -0.95 5.10 -13.54
N LEU A 267 -1.82 4.70 -14.48
CA LEU A 267 -1.43 4.49 -15.90
C LEU A 267 -0.67 5.68 -16.48
N LEU A 268 -1.20 6.87 -16.25
CA LEU A 268 -0.68 8.10 -16.84
C LEU A 268 0.46 8.78 -16.05
N GLY A 269 0.92 8.18 -14.95
CA GLY A 269 1.97 8.76 -14.12
C GLY A 269 1.58 10.03 -13.39
N ILE A 270 0.28 10.19 -13.12
CA ILE A 270 -0.24 11.32 -12.36
C ILE A 270 -0.04 10.83 -10.94
N GLN A 271 0.93 11.41 -10.26
CA GLN A 271 1.46 10.87 -9.02
C GLN A 271 0.53 11.23 -7.86
N GLN A 272 -0.63 10.58 -7.85
CA GLN A 272 -1.67 10.84 -6.85
C GLN A 272 -1.21 10.27 -5.53
N THR A 273 -0.83 8.98 -5.54
CA THR A 273 -0.33 8.25 -4.35
C THR A 273 1.15 8.48 -3.94
N ALA A 274 1.95 9.21 -4.74
CA ALA A 274 3.33 9.62 -4.33
C ALA A 274 3.28 10.73 -3.28
N GLY A 275 4.43 11.06 -2.69
CA GLY A 275 4.57 12.05 -1.59
C GLY A 275 3.87 13.39 -1.76
N GLY A 276 2.54 13.35 -1.61
CA GLY A 276 1.64 14.50 -1.70
C GLY A 276 0.66 14.46 -0.54
N GLY A 277 1.21 14.22 0.65
CA GLY A 277 0.50 14.18 1.93
C GLY A 277 -0.80 13.37 2.02
N HIS A 278 -1.87 14.08 2.37
CA HIS A 278 -3.12 13.47 2.81
C HIS A 278 -3.87 12.74 1.69
N ALA A 279 -4.02 13.42 0.54
CA ALA A 279 -4.73 12.85 -0.63
C ALA A 279 -4.07 11.57 -1.15
N ALA A 280 -2.74 11.61 -1.25
CA ALA A 280 -1.90 10.47 -1.59
C ALA A 280 -2.08 9.26 -0.70
N GLN A 281 -2.00 9.52 0.60
CA GLN A 281 -2.14 8.52 1.63
C GLN A 281 -3.51 7.88 1.59
N PHE A 282 -4.56 8.69 1.46
CA PHE A 282 -5.94 8.21 1.35
C PHE A 282 -6.12 7.26 0.17
N LEU A 283 -5.62 7.66 -1.00
CA LEU A 283 -5.72 6.80 -2.19
C LEU A 283 -4.93 5.49 -2.04
N GLN A 284 -3.77 5.56 -1.40
CA GLN A 284 -2.99 4.36 -1.06
C GLN A 284 -3.76 3.46 -0.08
N ASP A 285 -4.26 4.05 1.01
CA ASP A 285 -5.05 3.32 2.04
C ASP A 285 -6.29 2.64 1.48
N MET A 286 -6.99 3.31 0.57
CA MET A 286 -8.19 2.73 -0.07
C MET A 286 -7.92 1.49 -0.92
N ARG A 287 -6.68 1.28 -1.37
CA ARG A 287 -6.31 0.00 -1.99
C ARG A 287 -6.54 -1.22 -1.10
N ARG A 288 -6.40 -1.07 0.22
CA ARG A 288 -6.67 -2.14 1.19
C ARG A 288 -8.18 -2.47 1.35
N TYR A 289 -9.06 -1.63 0.79
CA TYR A 289 -10.51 -1.84 0.74
C TYR A 289 -11.00 -2.37 -0.60
N MET A 290 -10.07 -2.60 -1.54
CA MET A 290 -10.37 -3.21 -2.83
C MET A 290 -10.11 -4.71 -2.73
N PRO A 291 -10.78 -5.51 -3.59
CA PRO A 291 -10.43 -6.93 -3.70
C PRO A 291 -8.94 -7.11 -4.02
N PRO A 292 -8.28 -8.13 -3.45
CA PRO A 292 -6.82 -8.25 -3.57
C PRO A 292 -6.29 -8.28 -5.01
N ALA A 293 -7.02 -8.93 -5.93
CA ALA A 293 -6.66 -8.95 -7.36
C ALA A 293 -6.66 -7.55 -7.99
N HIS A 294 -7.58 -6.70 -7.55
CA HIS A 294 -7.69 -5.31 -8.04
C HIS A 294 -6.59 -4.41 -7.50
N ARG A 295 -6.30 -4.52 -6.21
CA ARG A 295 -5.12 -3.83 -5.64
C ARG A 295 -3.80 -4.31 -6.29
N ASN A 296 -3.69 -5.61 -6.58
N ASN A 296 -3.69 -5.62 -6.57
CA ASN A 296 -2.52 -6.16 -7.29
CA ASN A 296 -2.55 -6.20 -7.31
C ASN A 296 -2.39 -5.64 -8.73
C ASN A 296 -2.39 -5.63 -8.72
N PHE A 297 -3.53 -5.43 -9.41
CA PHE A 297 -3.55 -4.77 -10.73
C PHE A 297 -2.94 -3.36 -10.68
N LEU A 298 -3.32 -2.60 -9.65
CA LEU A 298 -2.76 -1.25 -9.45
C LEU A 298 -1.25 -1.23 -9.23
N CYS A 299 -0.73 -2.07 -8.32
CA CYS A 299 0.74 -2.13 -8.16
C CYS A 299 1.46 -2.74 -9.37
N SER A 300 0.78 -3.66 -10.09
CA SER A 300 1.31 -4.20 -11.36
C SER A 300 1.48 -3.09 -12.42
N LEU A 301 0.50 -2.19 -12.53
CA LEU A 301 0.66 -0.98 -13.40
C LEU A 301 1.90 -0.16 -13.05
N GLU A 302 2.09 0.05 -11.74
CA GLU A 302 3.28 0.77 -11.23
C GLU A 302 4.63 0.10 -11.50
N SER A 303 4.65 -1.22 -11.64
N SER A 303 4.66 -1.22 -11.65
CA SER A 303 5.85 -1.99 -12.01
CA SER A 303 5.86 -1.98 -12.02
C SER A 303 6.27 -1.88 -13.48
C SER A 303 6.28 -1.89 -13.49
N ASN A 304 5.35 -1.48 -14.36
CA ASN A 304 5.64 -1.34 -15.81
C ASN A 304 6.32 0.00 -16.08
N PRO A 305 6.95 0.15 -17.27
CA PRO A 305 7.55 1.44 -17.65
C PRO A 305 6.53 2.58 -17.67
N SER A 306 7.01 3.80 -17.42
CA SER A 306 6.14 4.97 -17.30
C SER A 306 5.65 5.44 -18.67
N VAL A 307 4.32 5.50 -18.84
CA VAL A 307 3.67 6.06 -20.03
C VAL A 307 4.05 7.54 -20.19
N ARG A 308 4.00 8.28 -19.07
CA ARG A 308 4.34 9.70 -19.02
C ARG A 308 5.76 9.98 -19.52
N GLU A 309 6.75 9.26 -18.97
N GLU A 309 6.74 9.26 -18.95
CA GLU A 309 8.15 9.44 -19.37
CA GLU A 309 8.16 9.34 -19.33
C GLU A 309 8.43 9.06 -20.83
C GLU A 309 8.38 9.08 -20.82
N PHE A 310 7.72 8.05 -21.33
CA PHE A 310 7.73 7.69 -22.77
C PHE A 310 7.26 8.85 -23.65
N VAL A 311 6.11 9.45 -23.29
CA VAL A 311 5.54 10.58 -24.04
C VAL A 311 6.40 11.86 -23.90
N LEU A 312 6.78 12.18 -22.67
CA LEU A 312 7.64 13.35 -22.36
C LEU A 312 8.94 13.42 -23.18
N SER A 313 9.56 12.26 -23.38
CA SER A 313 10.83 12.16 -24.10
C SER A 313 10.76 12.34 -25.62
N LYS A 314 9.61 12.02 -26.25
CA LYS A 314 9.55 11.73 -27.71
C LYS A 314 9.38 12.90 -28.71
N GLY A 315 9.22 14.15 -28.23
CA GLY A 315 9.13 15.36 -29.09
C GLY A 315 8.09 15.31 -30.20
N ASP A 316 6.91 14.82 -29.82
CA ASP A 316 5.89 14.35 -30.74
C ASP A 316 4.55 14.97 -30.34
N ALA A 317 4.12 16.00 -31.08
CA ALA A 317 2.90 16.76 -30.76
C ALA A 317 1.63 15.92 -30.73
N GLY A 318 1.46 15.05 -31.74
CA GLY A 318 0.33 14.11 -31.79
C GLY A 318 0.26 13.18 -30.59
N LEU A 319 1.42 12.67 -30.18
CA LEU A 319 1.49 11.79 -29.01
C LEU A 319 1.22 12.53 -27.68
N ARG A 320 1.80 13.73 -27.54
N ARG A 320 1.77 13.74 -27.54
CA ARG A 320 1.57 14.59 -26.37
CA ARG A 320 1.50 14.60 -26.39
C ARG A 320 0.09 15.00 -26.26
C ARG A 320 0.02 15.01 -26.33
N GLU A 321 -0.51 15.29 -27.41
N GLU A 321 -0.55 15.33 -27.48
CA GLU A 321 -1.94 15.63 -27.47
CA GLU A 321 -1.97 15.63 -27.58
C GLU A 321 -2.84 14.47 -27.06
C GLU A 321 -2.84 14.47 -27.09
N ALA A 322 -2.50 13.25 -27.51
CA ALA A 322 -3.27 12.03 -27.14
C ALA A 322 -3.18 11.70 -25.64
N TYR A 323 -1.98 11.84 -25.08
CA TYR A 323 -1.77 11.74 -23.62
C TYR A 323 -2.62 12.79 -22.88
N ASP A 324 -2.54 14.04 -23.33
CA ASP A 324 -3.32 15.16 -22.74
C ASP A 324 -4.83 14.97 -22.83
N ALA A 325 -5.33 14.33 -23.88
CA ALA A 325 -6.77 14.01 -23.99
C ALA A 325 -7.23 13.10 -22.83
N CYS A 326 -6.37 12.12 -22.48
CA CYS A 326 -6.61 11.26 -21.31
C CYS A 326 -6.57 12.02 -19.98
N VAL A 327 -5.55 12.86 -19.81
CA VAL A 327 -5.40 13.67 -18.60
C VAL A 327 -6.59 14.65 -18.46
N LYS A 328 -6.96 15.33 -19.56
CA LYS A 328 -8.13 16.23 -19.56
C LYS A 328 -9.44 15.50 -19.24
N ALA A 329 -9.61 14.27 -19.74
CA ALA A 329 -10.79 13.44 -19.40
C ALA A 329 -10.88 13.21 -17.89
N LEU A 330 -9.74 12.96 -17.24
CA LEU A 330 -9.67 12.83 -15.78
C LEU A 330 -9.96 14.13 -15.04
N VAL A 331 -9.39 15.24 -15.50
CA VAL A 331 -9.73 16.58 -14.96
C VAL A 331 -11.26 16.78 -14.99
N SER A 332 -11.88 16.50 -16.13
CA SER A 332 -13.33 16.67 -16.32
C SER A 332 -14.16 15.81 -15.37
N LEU A 333 -13.70 14.57 -15.13
CA LEU A 333 -14.33 13.70 -14.14
C LEU A 333 -14.22 14.24 -12.72
N ARG A 334 -13.05 14.71 -12.33
CA ARG A 334 -12.86 15.34 -11.00
C ARG A 334 -13.75 16.57 -10.81
N SER A 335 -13.80 17.42 -11.84
CA SER A 335 -14.69 18.57 -11.85
C SER A 335 -16.17 18.21 -11.68
N TYR A 336 -16.61 17.16 -12.37
CA TYR A 336 -17.98 16.68 -12.24
C TYR A 336 -18.25 16.11 -10.86
N HIS A 337 -17.31 15.33 -10.32
CA HIS A 337 -17.41 14.86 -8.93
C HIS A 337 -17.51 16.03 -7.94
N LEU A 338 -16.69 17.07 -8.13
CA LEU A 338 -16.83 18.32 -7.35
C LEU A 338 -18.23 18.97 -7.43
N GLN A 339 -18.82 19.00 -8.63
CA GLN A 339 -20.23 19.47 -8.80
C GLN A 339 -21.22 18.61 -8.01
N ILE A 340 -21.04 17.29 -8.05
CA ILE A 340 -21.87 16.34 -7.30
C ILE A 340 -21.72 16.54 -5.78
N VAL A 341 -20.50 16.73 -5.29
CA VAL A 341 -20.28 17.01 -3.85
C VAL A 341 -20.97 18.31 -3.42
N THR A 342 -20.94 19.34 -4.28
CA THR A 342 -21.64 20.61 -3.99
C THR A 342 -23.16 20.39 -3.85
N LYS A 343 -23.76 19.77 -4.86
CA LYS A 343 -25.22 19.54 -4.89
C LYS A 343 -25.69 18.59 -3.78
N TYR A 344 -24.99 17.46 -3.61
CA TYR A 344 -25.45 16.37 -2.74
C TYR A 344 -24.93 16.40 -1.30
N ILE A 345 -23.92 17.22 -0.99
CA ILE A 345 -23.33 17.26 0.36
C ILE A 345 -23.28 18.71 0.88
N LEU A 346 -22.55 19.61 0.20
CA LEU A 346 -22.36 20.99 0.69
C LEU A 346 -23.66 21.77 0.92
N ILE A 347 -24.53 21.76 -0.08
CA ILE A 347 -25.80 22.52 -0.04
C ILE A 347 -26.76 21.96 1.05
N PRO A 348 -27.04 20.63 1.05
CA PRO A 348 -27.82 20.01 2.15
C PRO A 348 -27.24 20.25 3.56
N ALA A 349 -25.91 20.20 3.70
CA ALA A 349 -25.23 20.48 4.98
C ALA A 349 -25.39 21.92 5.46
N SER A 350 -25.36 22.88 4.54
CA SER A 350 -25.61 24.31 4.85
C SER A 350 -27.03 24.60 5.33
N GLN A 351 -28.02 23.80 4.89
CA GLN A 351 -29.43 23.93 5.24
C GLN A 351 -29.81 23.09 6.47
N GLN A 352 -29.22 23.43 7.62
CA GLN A 352 -29.45 22.74 8.91
C GLN A 352 -29.29 23.69 10.12
N PRO A 353 -29.69 23.25 11.34
CA PRO A 353 -29.35 24.01 12.56
C PRO A 353 -27.85 24.02 12.88
N GLY A 371 -19.73 21.54 5.08
CA GLY A 371 -20.40 20.24 5.11
C GLY A 371 -19.48 19.07 4.85
N GLY A 372 -19.34 18.73 3.57
CA GLY A 372 -18.28 17.83 3.07
C GLY A 372 -17.12 18.63 2.49
N THR A 373 -16.57 19.52 3.31
CA THR A 373 -15.47 20.41 2.93
C THR A 373 -14.16 19.63 2.74
N ASP A 374 -13.93 18.63 3.59
CA ASP A 374 -12.77 17.73 3.45
C ASP A 374 -12.76 16.97 2.11
N LEU A 375 -13.93 16.47 1.71
CA LEU A 375 -14.08 15.80 0.42
C LEU A 375 -13.87 16.77 -0.75
N MET A 376 -14.42 17.99 -0.66
CA MET A 376 -14.17 19.04 -1.67
C MET A 376 -12.68 19.34 -1.83
N ASN A 377 -12.00 19.56 -0.70
CA ASN A 377 -10.55 19.85 -0.71
C ASN A 377 -9.71 18.70 -1.25
N PHE A 378 -10.09 17.47 -0.92
CA PHE A 378 -9.45 16.26 -1.48
C PHE A 378 -9.56 16.23 -3.00
N LEU A 379 -10.77 16.43 -3.52
CA LEU A 379 -11.00 16.45 -4.97
C LEU A 379 -10.31 17.61 -5.70
N LYS A 380 -10.27 18.78 -5.05
CA LYS A 380 -9.49 19.92 -5.57
C LYS A 380 -7.99 19.63 -5.66
N THR A 381 -7.45 18.94 -4.66
CA THR A 381 -6.04 18.53 -4.67
C THR A 381 -5.77 17.51 -5.79
N VAL A 382 -6.63 16.49 -5.88
CA VAL A 382 -6.55 15.47 -6.92
C VAL A 382 -6.66 16.09 -8.32
N ARG A 383 -7.64 16.98 -8.51
CA ARG A 383 -7.77 17.69 -9.79
C ARG A 383 -6.55 18.55 -10.13
N SER A 384 -6.01 19.25 -9.12
CA SER A 384 -4.81 20.09 -9.28
C SER A 384 -3.59 19.29 -9.75
N THR A 385 -3.34 18.17 -9.07
CA THR A 385 -2.29 17.22 -9.46
C THR A 385 -2.47 16.72 -10.90
N THR A 386 -3.72 16.44 -11.28
CA THR A 386 -4.08 15.98 -12.63
C THR A 386 -3.84 17.08 -13.67
N GLU A 387 -4.42 18.26 -13.44
CA GLU A 387 -4.26 19.42 -14.34
C GLU A 387 -2.77 19.76 -14.56
N LYS A 388 -1.98 19.75 -13.48
CA LYS A 388 -0.55 20.03 -13.54
C LYS A 388 0.30 18.99 -14.30
N SER A 389 -0.25 17.79 -14.51
CA SER A 389 0.34 16.74 -15.38
C SER A 389 0.06 16.92 -16.87
N LEU A 390 -0.81 17.86 -17.25
CA LEU A 390 -0.99 18.20 -18.67
C LEU A 390 0.34 18.73 -19.22
N LEU A 391 0.68 18.28 -20.40
CA LEU A 391 1.88 18.72 -21.11
C LEU A 391 1.67 20.10 -21.73
N LYS A 392 0.43 20.40 -22.15
CA LYS A 392 -0.02 21.74 -22.53
C LYS A 392 -1.28 22.08 -21.73
N GLU A 393 -1.41 23.34 -21.30
CA GLU A 393 -2.61 23.83 -20.58
C GLU A 393 -3.90 23.55 -21.36
N GLY A 394 -4.94 23.16 -20.63
CA GLY A 394 -6.22 22.79 -21.22
C GLY A 394 -7.00 23.96 -21.79
N MET B 1 15.30 -18.98 -11.86
CA MET B 1 15.97 -17.64 -11.62
C MET B 1 14.95 -16.49 -11.56
N ILE B 2 15.20 -15.52 -10.68
CA ILE B 2 14.39 -14.30 -10.58
C ILE B 2 14.80 -13.35 -11.71
N SER B 3 13.83 -12.64 -12.29
CA SER B 3 14.06 -11.71 -13.41
C SER B 3 14.94 -10.54 -12.99
N LYS B 4 15.75 -10.07 -13.95
CA LYS B 4 16.74 -9.00 -13.73
C LYS B 4 16.12 -7.64 -13.37
N GLU B 5 14.88 -7.41 -13.82
CA GLU B 5 14.08 -6.22 -13.46
C GLU B 5 13.85 -6.00 -11.96
N TYR B 6 13.93 -7.07 -11.15
CA TYR B 6 13.78 -6.96 -9.69
C TYR B 6 15.05 -6.64 -8.90
N HIS B 7 16.22 -6.59 -9.54
CA HIS B 7 17.47 -6.12 -8.89
C HIS B 7 17.79 -6.95 -7.61
N ILE B 8 17.61 -8.26 -7.72
CA ILE B 8 17.91 -9.21 -6.65
C ILE B 8 19.15 -9.96 -7.10
N ASP B 9 20.19 -9.88 -6.28
CA ASP B 9 21.45 -10.58 -6.52
C ASP B 9 21.34 -11.97 -5.93
N GLU B 10 21.95 -12.96 -6.61
N GLU B 10 21.94 -12.96 -6.62
CA GLU B 10 21.98 -14.35 -6.13
CA GLU B 10 21.99 -14.34 -6.15
C GLU B 10 22.70 -14.51 -4.78
C GLU B 10 22.71 -14.52 -4.81
N GLU B 11 23.85 -13.83 -4.65
CA GLU B 11 24.66 -13.89 -3.42
C GLU B 11 24.15 -12.99 -2.27
N VAL B 12 23.89 -11.71 -2.56
CA VAL B 12 23.53 -10.71 -1.52
C VAL B 12 22.04 -10.26 -1.50
N GLY B 13 21.20 -10.84 -2.37
CA GLY B 13 19.74 -10.62 -2.32
C GLY B 13 19.35 -9.21 -2.68
N PHE B 14 18.60 -8.55 -1.79
CA PHE B 14 18.23 -7.14 -1.96
C PHE B 14 19.39 -6.14 -1.76
N ALA B 15 20.50 -6.56 -1.14
CA ALA B 15 21.68 -5.69 -0.99
C ALA B 15 22.24 -5.29 -2.35
N LEU B 16 22.77 -4.07 -2.44
CA LEU B 16 23.46 -3.61 -3.64
C LEU B 16 24.79 -4.39 -3.72
N PRO B 17 25.02 -5.18 -4.81
CA PRO B 17 26.29 -5.90 -4.90
C PRO B 17 27.46 -4.94 -5.15
N ASN B 18 28.59 -5.23 -4.52
CA ASN B 18 29.82 -4.41 -4.60
C ASN B 18 29.55 -2.90 -4.75
N PRO B 19 29.02 -2.25 -3.69
CA PRO B 19 28.67 -0.83 -3.82
C PRO B 19 29.87 0.05 -4.15
N GLN B 20 29.59 1.14 -4.86
CA GLN B 20 30.62 2.11 -5.24
C GLN B 20 31.04 2.89 -3.98
N GLU B 21 32.35 3.16 -3.87
CA GLU B 21 32.95 3.88 -2.72
C GLU B 21 33.21 5.37 -2.99
N ASN B 22 33.61 5.71 -4.22
CA ASN B 22 33.96 7.08 -4.62
C ASN B 22 33.05 7.56 -5.74
N LEU B 23 32.63 8.83 -5.65
CA LEU B 23 31.87 9.51 -6.71
C LEU B 23 32.84 10.10 -7.74
N PRO B 24 32.33 10.65 -8.87
CA PRO B 24 33.16 11.48 -9.76
C PRO B 24 33.75 12.71 -9.04
N ASP B 25 34.89 13.20 -9.54
CA ASP B 25 35.61 14.34 -8.94
C ASP B 25 34.75 15.60 -8.76
N PHE B 26 33.79 15.79 -9.67
CA PHE B 26 32.76 16.84 -9.60
C PHE B 26 32.03 16.96 -8.24
N TYR B 27 31.85 15.83 -7.55
CA TYR B 27 31.17 15.75 -6.23
C TYR B 27 32.12 15.62 -5.02
N ASN B 28 33.38 16.05 -5.14
CA ASN B 28 34.36 15.98 -4.02
C ASN B 28 33.91 16.77 -2.76
N ASP B 29 33.23 17.90 -2.97
CA ASP B 29 32.70 18.72 -1.86
C ASP B 29 31.62 17.99 -1.05
N TRP B 30 30.77 17.21 -1.72
CA TRP B 30 29.83 16.31 -1.03
C TRP B 30 30.55 15.19 -0.29
N MET B 31 31.47 14.51 -0.99
CA MET B 31 32.19 13.36 -0.41
C MET B 31 33.03 13.73 0.81
N PHE B 32 33.66 14.91 0.78
CA PHE B 32 34.47 15.36 1.92
C PHE B 32 33.63 15.50 3.20
N ILE B 33 32.46 16.13 3.07
CA ILE B 33 31.55 16.34 4.20
C ILE B 33 31.08 14.99 4.76
N ALA B 34 30.58 14.13 3.87
CA ALA B 34 30.11 12.77 4.27
C ALA B 34 31.20 11.89 4.91
N LYS B 35 32.42 11.93 4.37
CA LYS B 35 33.55 11.19 4.96
C LYS B 35 34.07 11.74 6.31
N HIS B 36 33.73 12.98 6.65
CA HIS B 36 34.20 13.65 7.89
C HIS B 36 33.06 14.06 8.84
N LEU B 37 31.93 13.35 8.81
CA LEU B 37 30.81 13.69 9.71
C LEU B 37 31.15 13.64 11.20
N PRO B 38 31.92 12.61 11.66
CA PRO B 38 32.29 12.58 13.08
C PRO B 38 33.00 13.86 13.56
N ASP B 39 34.05 14.27 12.83
N ASP B 39 34.05 14.26 12.82
CA ASP B 39 34.81 15.49 13.11
CA ASP B 39 34.81 15.49 13.11
C ASP B 39 33.99 16.76 12.90
C ASP B 39 33.99 16.76 12.90
N LEU B 40 33.30 16.86 11.77
CA LEU B 40 32.52 18.08 11.41
C LEU B 40 31.29 18.34 12.30
N ILE B 41 30.59 17.27 12.70
CA ILE B 41 29.48 17.38 13.66
C ILE B 41 29.99 17.83 15.03
N GLU B 42 31.01 17.14 15.56
CA GLU B 42 31.56 17.41 16.89
C GLU B 42 32.06 18.87 17.03
N SER B 43 32.76 19.35 15.99
CA SER B 43 33.30 20.72 15.97
C SER B 43 32.26 21.83 15.70
N GLY B 44 31.03 21.47 15.34
CA GLY B 44 30.01 22.43 14.97
C GLY B 44 30.26 23.08 13.62
N GLN B 45 31.04 22.41 12.76
CA GLN B 45 31.35 22.89 11.41
C GLN B 45 30.47 22.29 10.32
N LEU B 46 29.77 21.19 10.60
CA LEU B 46 28.97 20.48 9.57
C LEU B 46 28.00 21.41 8.83
N ARG B 47 27.18 22.11 9.60
CA ARG B 47 26.10 22.95 9.06
C ARG B 47 26.60 24.12 8.22
N GLU B 48 27.67 24.78 8.67
CA GLU B 48 28.28 25.86 7.87
C GLU B 48 28.92 25.33 6.58
N ARG B 49 29.60 24.17 6.65
CA ARG B 49 30.17 23.51 5.45
C ARG B 49 29.11 23.11 4.42
N VAL B 50 27.95 22.61 4.89
CA VAL B 50 26.78 22.36 4.02
C VAL B 50 26.26 23.67 3.40
N GLU B 51 26.04 24.68 4.24
CA GLU B 51 25.56 26.01 3.80
C GLU B 51 26.48 26.74 2.80
N LYS B 52 27.79 26.48 2.85
CA LYS B 52 28.78 27.00 1.87
C LYS B 52 28.84 26.26 0.51
N LEU B 53 28.18 25.09 0.38
CA LEU B 53 28.18 24.33 -0.88
C LEU B 53 27.51 25.11 -2.02
N ASN B 54 28.10 25.00 -3.20
CA ASN B 54 27.42 25.36 -4.46
C ASN B 54 26.40 24.26 -4.79
N MET B 55 25.31 24.65 -5.45
CA MET B 55 24.29 23.70 -5.91
C MET B 55 24.85 22.94 -7.11
N LEU B 56 25.18 21.66 -6.90
CA LEU B 56 25.77 20.80 -7.92
C LEU B 56 24.68 20.06 -8.69
N SER B 57 24.86 19.97 -10.02
CA SER B 57 23.95 19.21 -10.89
C SER B 57 24.11 17.72 -10.61
N ILE B 58 22.99 16.98 -10.63
CA ILE B 58 22.99 15.51 -10.56
C ILE B 58 23.33 14.79 -11.89
N ASP B 59 23.44 15.53 -13.00
CA ASP B 59 23.62 14.94 -14.34
C ASP B 59 24.94 14.17 -14.56
N HIS B 60 25.97 14.48 -13.76
CA HIS B 60 27.26 13.73 -13.78
C HIS B 60 27.23 12.38 -13.03
N LEU B 61 26.14 12.07 -12.33
CA LEU B 61 25.91 10.74 -11.74
C LEU B 61 25.31 9.84 -12.82
N THR B 62 26.19 9.14 -13.54
CA THR B 62 25.85 8.47 -14.82
C THR B 62 25.19 7.09 -14.68
N ASP B 63 25.62 6.30 -13.68
CA ASP B 63 25.13 4.91 -13.46
C ASP B 63 24.36 4.74 -12.13
N HIS B 64 23.73 3.58 -11.97
CA HIS B 64 22.89 3.27 -10.79
C HIS B 64 23.67 3.28 -9.46
N LYS B 65 24.83 2.63 -9.45
CA LYS B 65 25.72 2.60 -8.28
C LYS B 65 26.21 3.99 -7.85
N SER B 66 26.52 4.86 -8.83
N SER B 66 26.53 4.85 -8.82
CA SER B 66 26.89 6.25 -8.55
CA SER B 66 26.89 6.25 -8.56
C SER B 66 25.73 7.07 -7.97
C SER B 66 25.73 7.06 -7.97
N GLN B 67 24.53 6.86 -8.50
CA GLN B 67 23.29 7.49 -7.99
C GLN B 67 22.95 7.01 -6.57
N ARG B 68 23.13 5.71 -6.31
CA ARG B 68 22.93 5.14 -4.97
C ARG B 68 23.98 5.60 -3.95
N LEU B 69 25.24 5.67 -4.36
CA LEU B 69 26.30 6.26 -3.51
C LEU B 69 25.98 7.71 -3.17
N ALA B 70 25.58 8.49 -4.18
CA ALA B 70 25.20 9.90 -3.99
C ALA B 70 24.01 10.07 -3.04
N ARG B 71 23.01 9.19 -3.14
CA ARG B 71 21.91 9.12 -2.16
C ARG B 71 22.39 8.85 -0.73
N LEU B 72 23.33 7.92 -0.59
CA LEU B 72 23.90 7.57 0.72
C LEU B 72 24.65 8.79 1.31
N VAL B 73 25.49 9.42 0.47
CA VAL B 73 26.25 10.64 0.82
C VAL B 73 25.31 11.78 1.26
N LEU B 74 24.38 12.14 0.39
CA LEU B 74 23.42 13.24 0.66
C LEU B 74 22.47 12.94 1.83
N GLY B 75 22.04 11.69 1.94
CA GLY B 75 21.22 11.21 3.06
C GLY B 75 21.88 11.37 4.41
N CYS B 76 23.13 10.91 4.51
CA CYS B 76 23.94 11.06 5.73
C CYS B 76 24.20 12.52 6.10
N ILE B 77 24.53 13.34 5.09
CA ILE B 77 24.71 14.79 5.29
C ILE B 77 23.42 15.43 5.81
N THR B 78 22.29 15.07 5.20
CA THR B 78 20.98 15.59 5.59
C THR B 78 20.64 15.26 7.04
N MET B 79 20.84 14.00 7.47
CA MET B 79 20.61 13.63 8.88
C MET B 79 21.48 14.44 9.83
N ALA B 80 22.76 14.54 9.48
CA ALA B 80 23.74 15.34 10.26
C ALA B 80 23.32 16.80 10.35
N TYR B 81 22.88 17.36 9.22
CA TYR B 81 22.43 18.74 9.14
C TYR B 81 21.18 19.00 9.98
N VAL B 82 20.16 18.13 9.83
CA VAL B 82 18.91 18.25 10.59
C VAL B 82 19.16 18.09 12.09
N TRP B 83 19.78 16.99 12.50
CA TRP B 83 19.93 16.65 13.92
C TRP B 83 21.11 17.31 14.63
N GLY B 84 22.09 17.81 13.89
CA GLY B 84 23.27 18.50 14.47
C GLY B 84 24.09 17.54 15.30
N LYS B 85 24.42 17.96 16.53
CA LYS B 85 25.11 17.08 17.50
C LYS B 85 24.25 15.99 18.15
N GLY B 86 22.95 15.95 17.85
CA GLY B 86 22.04 14.91 18.37
C GLY B 86 21.56 15.17 19.78
N HIS B 87 21.48 16.46 20.17
CA HIS B 87 21.04 16.91 21.50
C HIS B 87 19.74 17.75 21.45
N GLY B 88 19.04 17.74 20.32
CA GLY B 88 17.74 18.43 20.17
C GLY B 88 17.75 19.82 19.58
N ASP B 89 18.92 20.35 19.22
CA ASP B 89 19.04 21.61 18.48
C ASP B 89 18.92 21.32 16.99
N VAL B 90 17.70 21.45 16.47
CA VAL B 90 17.35 20.95 15.12
C VAL B 90 17.30 22.05 14.07
N ARG B 91 17.60 21.69 12.83
CA ARG B 91 17.35 22.51 11.65
C ARG B 91 16.01 22.09 11.05
N LYS B 92 15.14 23.07 10.83
CA LYS B 92 13.81 22.88 10.21
C LYS B 92 13.78 23.14 8.69
N VAL B 93 14.86 23.70 8.15
CA VAL B 93 14.99 24.01 6.72
C VAL B 93 16.29 23.37 6.23
N LEU B 94 16.20 22.58 5.16
CA LEU B 94 17.37 22.02 4.48
C LEU B 94 17.69 22.99 3.32
N PRO B 95 18.91 23.59 3.30
CA PRO B 95 19.19 24.63 2.29
C PRO B 95 19.18 24.12 0.84
N ARG B 96 18.80 24.99 -0.09
CA ARG B 96 18.58 24.62 -1.51
C ARG B 96 19.77 23.95 -2.20
N ASN B 97 20.98 24.40 -1.87
CA ASN B 97 22.23 23.85 -2.45
C ASN B 97 22.39 22.33 -2.34
N ILE B 98 21.95 21.78 -1.20
CA ILE B 98 21.88 20.33 -0.96
C ILE B 98 20.47 19.75 -1.25
N ALA B 99 19.42 20.49 -0.87
CA ALA B 99 18.02 20.02 -0.97
C ALA B 99 17.54 19.75 -2.40
N VAL B 100 17.87 20.66 -3.32
CA VAL B 100 17.46 20.53 -4.73
C VAL B 100 18.05 19.29 -5.42
N PRO B 101 19.40 19.11 -5.43
CA PRO B 101 19.95 17.89 -6.01
C PRO B 101 19.56 16.58 -5.28
N TYR B 102 19.40 16.64 -3.97
CA TYR B 102 18.93 15.48 -3.20
C TYR B 102 17.50 15.07 -3.58
N CYS B 103 16.60 16.05 -3.66
CA CYS B 103 15.21 15.80 -4.12
C CYS B 103 15.11 15.38 -5.58
N GLN B 104 15.95 15.97 -6.44
CA GLN B 104 16.06 15.58 -7.86
C GLN B 104 16.52 14.13 -8.03
N LEU B 105 17.63 13.79 -7.37
CA LEU B 105 18.18 12.42 -7.36
C LEU B 105 17.21 11.38 -6.77
N SER B 106 16.54 11.77 -5.69
CA SER B 106 15.51 10.96 -5.04
C SER B 106 14.31 10.66 -5.94
N LYS B 107 13.80 11.70 -6.62
CA LYS B 107 12.75 11.55 -7.66
C LYS B 107 13.18 10.61 -8.80
N LYS B 108 14.43 10.72 -9.23
CA LYS B 108 14.99 9.86 -10.30
C LYS B 108 15.05 8.37 -9.91
N LEU B 109 15.48 8.11 -8.67
CA LEU B 109 15.50 6.75 -8.10
C LEU B 109 14.16 6.27 -7.48
N GLU B 110 13.13 7.12 -7.46
CA GLU B 110 11.80 6.82 -6.89
C GLU B 110 11.86 6.44 -5.39
N LEU B 111 12.72 7.16 -4.65
CA LEU B 111 12.85 7.02 -3.20
C LEU B 111 12.57 8.38 -2.58
N PRO B 112 12.07 8.43 -1.33
CA PRO B 112 11.88 9.73 -0.68
C PRO B 112 13.22 10.40 -0.30
N PRO B 113 13.26 11.74 -0.20
CA PRO B 113 14.49 12.47 0.16
C PRO B 113 14.79 12.42 1.68
N ILE B 114 15.09 11.21 2.15
CA ILE B 114 15.52 10.92 3.52
C ILE B 114 16.38 9.66 3.44
N LEU B 115 17.29 9.51 4.38
CA LEU B 115 18.14 8.33 4.49
C LEU B 115 17.23 7.13 4.83
N VAL B 116 17.23 6.13 3.94
CA VAL B 116 16.46 4.89 4.13
C VAL B 116 17.41 3.71 4.35
N TYR B 117 16.82 2.59 4.76
CA TYR B 117 17.52 1.31 4.92
C TYR B 117 18.35 0.92 3.67
N ALA B 118 17.77 1.08 2.49
CA ALA B 118 18.47 0.81 1.23
C ALA B 118 19.75 1.65 0.99
N ASP B 119 19.79 2.85 1.58
CA ASP B 119 21.00 3.68 1.57
C ASP B 119 21.98 3.17 2.61
N CYS B 120 21.57 3.25 3.88
CA CYS B 120 22.50 3.12 5.01
C CYS B 120 22.87 1.70 5.41
N VAL B 121 22.13 0.70 4.91
CA VAL B 121 22.51 -0.71 5.02
C VAL B 121 22.91 -1.26 3.65
N LEU B 122 21.98 -1.25 2.69
CA LEU B 122 22.15 -2.02 1.45
C LEU B 122 23.23 -1.50 0.49
N ALA B 123 23.50 -0.19 0.52
CA ALA B 123 24.55 0.44 -0.30
C ALA B 123 25.78 0.91 0.50
N ASN B 124 25.81 0.66 1.81
CA ASN B 124 26.76 1.28 2.73
C ASN B 124 27.72 0.23 3.25
N TRP B 125 28.40 -0.44 2.32
CA TRP B 125 29.34 -1.48 2.68
C TRP B 125 30.43 -1.74 1.64
N LYS B 126 31.49 -2.38 2.11
CA LYS B 126 32.57 -2.89 1.26
C LYS B 126 33.17 -4.12 1.89
N LYS B 127 33.81 -4.94 1.07
CA LYS B 127 34.77 -5.94 1.54
C LYS B 127 36.11 -5.23 1.76
N LYS B 128 36.81 -5.61 2.83
CA LYS B 128 38.21 -5.19 3.05
C LYS B 128 39.10 -5.86 2.01
N ASP B 129 39.01 -7.18 1.93
CA ASP B 129 39.71 -8.02 0.94
C ASP B 129 38.63 -8.62 0.01
N PRO B 130 38.59 -8.22 -1.29
CA PRO B 130 37.67 -8.83 -2.28
C PRO B 130 37.75 -10.35 -2.47
N ASN B 131 38.92 -10.95 -2.24
CA ASN B 131 39.12 -12.42 -2.30
C ASN B 131 38.60 -13.22 -1.10
N LYS B 132 38.31 -12.55 0.02
CA LYS B 132 37.78 -13.18 1.25
C LYS B 132 36.23 -13.05 1.32
N PRO B 133 35.56 -13.93 2.11
CA PRO B 133 34.08 -13.98 2.05
C PRO B 133 33.35 -12.83 2.76
N LEU B 134 32.02 -12.86 2.65
CA LEU B 134 31.14 -11.86 3.28
C LEU B 134 30.92 -12.21 4.75
N THR B 135 31.91 -11.84 5.56
CA THR B 135 31.86 -12.00 7.02
C THR B 135 32.15 -10.65 7.66
N TYR B 136 31.73 -10.50 8.92
CA TYR B 136 31.89 -9.24 9.66
C TYR B 136 33.35 -8.76 9.71
N GLU B 137 34.26 -9.70 9.98
CA GLU B 137 35.71 -9.41 10.04
C GLU B 137 36.31 -8.91 8.72
N ASN B 138 35.73 -9.32 7.58
CA ASN B 138 36.16 -8.85 6.25
C ASN B 138 35.30 -7.70 5.69
N MET B 139 34.56 -6.97 6.52
CA MET B 139 33.64 -5.93 6.04
C MET B 139 33.73 -4.63 6.83
N ASP B 140 33.39 -3.55 6.16
CA ASP B 140 33.31 -2.21 6.73
C ASP B 140 32.11 -1.48 6.13
N VAL B 141 31.62 -0.49 6.86
CA VAL B 141 30.68 0.50 6.30
C VAL B 141 31.44 1.61 5.59
N LEU B 142 30.73 2.32 4.72
CA LEU B 142 31.29 3.47 4.01
C LEU B 142 31.15 4.78 4.79
N PHE B 143 30.05 4.94 5.55
CA PHE B 143 29.79 6.17 6.32
C PHE B 143 29.23 5.87 7.70
N SER B 144 29.68 6.68 8.67
CA SER B 144 29.18 6.74 10.03
C SER B 144 28.83 8.19 10.38
N PHE B 145 28.13 8.39 11.49
CA PHE B 145 27.75 9.74 11.95
C PHE B 145 28.72 10.31 12.97
N ARG B 146 28.94 9.55 14.03
CA ARG B 146 29.77 9.96 15.18
C ARG B 146 30.70 8.84 15.60
N ASP B 147 31.85 9.21 16.17
CA ASP B 147 32.74 8.23 16.83
C ASP B 147 31.99 7.59 17.99
N GLY B 148 32.09 6.27 18.10
CA GLY B 148 31.37 5.50 19.10
C GLY B 148 29.88 5.25 18.86
N ASP B 149 29.37 5.58 17.67
CA ASP B 149 27.92 5.39 17.36
C ASP B 149 27.48 3.94 17.08
N CYS B 150 28.43 3.00 16.97
CA CYS B 150 28.15 1.60 16.61
C CYS B 150 27.43 1.43 15.26
N SER B 151 27.65 2.37 14.34
CA SER B 151 27.03 2.32 13.01
C SER B 151 27.53 1.11 12.21
N LYS B 152 28.82 0.76 12.36
CA LYS B 152 29.36 -0.46 11.75
C LYS B 152 28.61 -1.71 12.15
N GLY B 153 28.49 -1.94 13.46
CA GLY B 153 27.79 -3.09 14.02
C GLY B 153 26.32 -3.13 13.64
N PHE B 154 25.63 -2.00 13.77
CA PHE B 154 24.19 -1.92 13.52
C PHE B 154 23.87 -2.15 12.05
N PHE B 155 24.58 -1.43 11.17
CA PHE B 155 24.38 -1.56 9.71
C PHE B 155 24.86 -2.90 9.16
N LEU B 156 26.08 -3.33 9.51
CA LEU B 156 26.62 -4.59 8.95
C LEU B 156 25.92 -5.85 9.42
N VAL B 157 25.51 -5.91 10.69
CA VAL B 157 24.74 -7.08 11.16
C VAL B 157 23.39 -7.14 10.45
N SER B 158 22.74 -5.98 10.28
CA SER B 158 21.52 -5.89 9.45
C SER B 158 21.78 -6.40 8.02
N LEU B 159 22.89 -5.95 7.43
CA LEU B 159 23.29 -6.42 6.10
C LEU B 159 23.52 -7.94 6.06
N LEU B 160 24.20 -8.47 7.07
CA LEU B 160 24.51 -9.91 7.11
C LEU B 160 23.25 -10.78 7.27
N VAL B 161 22.25 -10.29 8.01
CA VAL B 161 20.92 -10.91 8.05
C VAL B 161 20.29 -10.88 6.67
N GLU B 162 20.32 -9.71 6.04
CA GLU B 162 19.85 -9.50 4.66
C GLU B 162 20.49 -10.47 3.65
N ILE B 163 21.82 -10.63 3.75
CA ILE B 163 22.58 -11.58 2.92
C ILE B 163 22.20 -13.04 3.21
N ALA B 164 22.07 -13.40 4.49
CA ALA B 164 21.61 -14.75 4.88
C ALA B 164 20.24 -15.10 4.28
N ALA B 165 19.34 -14.12 4.30
CA ALA B 165 18.01 -14.29 3.72
C ALA B 165 17.99 -14.46 2.19
N ALA B 166 19.01 -13.93 1.49
CA ALA B 166 19.21 -14.17 0.04
C ALA B 166 19.18 -15.63 -0.40
N SER B 167 19.68 -16.53 0.46
CA SER B 167 19.60 -17.98 0.20
C SER B 167 18.17 -18.52 0.14
N ALA B 168 17.26 -17.93 0.93
CA ALA B 168 15.82 -18.22 0.87
C ALA B 168 15.12 -17.56 -0.33
N ILE B 169 15.53 -16.33 -0.67
CA ILE B 169 14.93 -15.56 -1.78
C ILE B 169 15.05 -16.32 -3.11
N LYS B 170 16.23 -16.88 -3.39
CA LYS B 170 16.44 -17.64 -4.64
C LYS B 170 15.61 -18.93 -4.80
N VAL B 171 15.04 -19.43 -3.70
CA VAL B 171 14.09 -20.57 -3.70
C VAL B 171 12.67 -20.17 -4.13
N ILE B 172 12.33 -18.88 -4.08
CA ILE B 172 10.95 -18.41 -4.38
C ILE B 172 10.41 -18.85 -5.76
N PRO B 173 11.20 -18.72 -6.86
CA PRO B 173 10.75 -19.25 -8.17
C PRO B 173 10.41 -20.75 -8.16
N THR B 174 11.23 -21.56 -7.48
CA THR B 174 10.97 -23.00 -7.27
C THR B 174 9.63 -23.30 -6.57
N VAL B 175 9.26 -22.46 -5.61
CA VAL B 175 7.97 -22.58 -4.89
C VAL B 175 6.80 -22.39 -5.88
N PHE B 176 6.82 -21.30 -6.64
CA PHE B 176 5.73 -21.00 -7.60
C PHE B 176 5.70 -21.92 -8.82
N LYS B 177 6.88 -22.31 -9.32
CA LYS B 177 6.99 -23.32 -10.38
C LYS B 177 6.44 -24.69 -9.94
N ALA B 178 6.79 -25.11 -8.73
CA ALA B 178 6.30 -26.37 -8.15
C ALA B 178 4.78 -26.39 -7.96
N MET B 179 4.20 -25.26 -7.53
CA MET B 179 2.74 -25.12 -7.46
C MET B 179 2.04 -25.19 -8.83
N GLN B 180 2.60 -24.48 -9.81
CA GLN B 180 2.08 -24.47 -11.19
C GLN B 180 2.13 -25.87 -11.82
N MET B 181 3.29 -26.51 -11.74
N MET B 181 3.30 -26.50 -11.75
CA MET B 181 3.48 -27.86 -12.26
CA MET B 181 3.51 -27.86 -12.24
C MET B 181 2.86 -29.00 -11.43
C MET B 181 2.84 -28.99 -11.44
N GLN B 182 2.32 -28.68 -10.23
CA GLN B 182 1.75 -29.67 -9.28
C GLN B 182 2.81 -30.67 -8.84
N GLU B 183 3.92 -30.13 -8.34
CA GLU B 183 5.09 -30.91 -7.93
C GLU B 183 5.20 -30.84 -6.40
N ARG B 184 4.43 -31.71 -5.74
CA ARG B 184 4.32 -31.78 -4.27
C ARG B 184 5.66 -31.92 -3.56
N ASP B 185 6.48 -32.89 -4.00
CA ASP B 185 7.77 -33.18 -3.36
C ASP B 185 8.77 -32.04 -3.56
N THR B 186 8.77 -31.44 -4.75
CA THR B 186 9.59 -30.24 -5.05
C THR B 186 9.17 -29.05 -4.16
N LEU B 187 7.86 -28.84 -3.99
CA LEU B 187 7.36 -27.78 -3.09
C LEU B 187 7.76 -28.00 -1.62
N LEU B 188 7.60 -29.23 -1.16
CA LEU B 188 7.94 -29.61 0.22
C LEU B 188 9.41 -29.33 0.53
N LYS B 189 10.29 -29.83 -0.36
CA LYS B 189 11.73 -29.57 -0.28
C LYS B 189 12.06 -28.06 -0.29
N ALA B 190 11.39 -27.31 -1.17
CA ALA B 190 11.60 -25.85 -1.28
C ALA B 190 11.24 -25.10 0.00
N LEU B 191 10.08 -25.45 0.58
CA LEU B 191 9.66 -24.89 1.87
C LEU B 191 10.61 -25.24 3.02
N LEU B 192 11.08 -26.48 3.09
CA LEU B 192 12.10 -26.86 4.09
C LEU B 192 13.42 -26.10 3.95
N GLU B 193 13.83 -25.82 2.70
CA GLU B 193 15.02 -25.05 2.40
C GLU B 193 14.88 -23.58 2.81
N ILE B 194 13.70 -23.00 2.58
CA ILE B 194 13.39 -21.63 3.06
C ILE B 194 13.46 -21.56 4.59
N ALA B 195 12.81 -22.50 5.28
CA ALA B 195 12.82 -22.57 6.75
C ALA B 195 14.25 -22.64 7.31
N SER B 196 15.07 -23.50 6.72
CA SER B 196 16.50 -23.63 7.06
C SER B 196 17.29 -22.32 6.87
N CYS B 197 17.07 -21.65 5.74
CA CYS B 197 17.70 -20.36 5.46
C CYS B 197 17.27 -19.23 6.41
N LEU B 198 15.98 -19.22 6.78
CA LEU B 198 15.48 -18.28 7.81
C LEU B 198 16.03 -18.60 9.21
N GLU B 199 16.10 -19.88 9.55
CA GLU B 199 16.79 -20.34 10.77
C GLU B 199 18.26 -19.87 10.85
N LYS B 200 18.98 -19.96 9.72
N LYS B 200 18.97 -19.95 9.72
CA LYS B 200 20.35 -19.45 9.60
CA LYS B 200 20.35 -19.44 9.61
C LYS B 200 20.44 -17.92 9.74
C LYS B 200 20.43 -17.92 9.76
N ALA B 201 19.47 -17.21 9.15
CA ALA B 201 19.37 -15.75 9.30
C ALA B 201 19.18 -15.30 10.77
N LEU B 202 18.40 -16.07 11.54
CA LEU B 202 18.26 -15.86 12.98
C LEU B 202 19.59 -15.99 13.74
N GLN B 203 20.38 -17.01 13.39
CA GLN B 203 21.71 -17.20 14.01
C GLN B 203 22.68 -16.05 13.68
N VAL B 204 22.64 -15.57 12.44
CA VAL B 204 23.39 -14.36 12.03
C VAL B 204 22.98 -13.11 12.86
N PHE B 205 21.66 -12.94 13.05
CA PHE B 205 21.05 -11.86 13.87
C PHE B 205 21.68 -11.77 15.30
N HIS B 206 22.03 -12.92 15.88
CA HIS B 206 22.71 -13.01 17.20
C HIS B 206 24.00 -12.19 17.35
N GLN B 207 24.72 -11.95 16.24
CA GLN B 207 25.92 -11.10 16.25
C GLN B 207 25.72 -9.62 16.64
N ILE B 208 24.48 -9.12 16.64
CA ILE B 208 24.20 -7.74 17.06
C ILE B 208 24.77 -7.38 18.45
N HIS B 209 24.69 -8.33 19.37
CA HIS B 209 25.19 -8.17 20.75
C HIS B 209 26.71 -7.96 20.83
N ASP B 210 27.44 -8.58 19.91
CA ASP B 210 28.90 -8.47 19.85
C ASP B 210 29.44 -7.11 19.39
N HIS B 211 28.66 -6.38 18.58
CA HIS B 211 29.12 -5.15 17.89
C HIS B 211 28.34 -3.86 18.19
N VAL B 212 27.29 -3.93 19.00
CA VAL B 212 26.47 -2.75 19.30
C VAL B 212 26.27 -2.69 20.81
N ASN B 213 26.53 -1.50 21.36
CA ASN B 213 26.37 -1.18 22.78
C ASN B 213 24.99 -0.48 22.92
N PRO B 214 24.13 -0.90 23.88
CA PRO B 214 22.82 -0.25 24.09
C PRO B 214 22.79 1.27 24.28
N LYS B 215 23.70 1.78 25.11
CA LYS B 215 23.77 3.22 25.42
C LYS B 215 24.11 4.03 24.16
N ALA B 216 25.17 3.59 23.46
CA ALA B 216 25.60 4.18 22.20
C ALA B 216 24.50 4.16 21.13
N PHE B 217 23.82 3.02 20.99
CA PHE B 217 22.71 2.94 20.03
C PHE B 217 21.57 3.90 20.37
N PHE B 218 21.08 3.82 21.61
CA PHE B 218 19.92 4.61 22.04
C PHE B 218 20.17 6.11 22.02
N SER B 219 21.29 6.53 22.60
CA SER B 219 21.59 7.95 22.80
C SER B 219 22.18 8.66 21.57
N VAL B 220 22.76 7.91 20.62
CA VAL B 220 23.46 8.49 19.47
C VAL B 220 22.87 8.01 18.13
N LEU B 221 23.08 6.74 17.78
CA LEU B 221 22.70 6.26 16.43
C LEU B 221 21.21 6.38 16.10
N ARG B 222 20.38 5.97 17.05
CA ARG B 222 18.91 6.11 16.95
C ARG B 222 18.47 7.55 16.62
N ILE B 223 19.17 8.53 17.20
CA ILE B 223 18.91 9.96 16.95
C ILE B 223 19.16 10.30 15.47
N TYR B 224 20.30 9.88 14.92
CA TYR B 224 20.65 10.20 13.52
C TYR B 224 19.77 9.50 12.47
N LEU B 225 19.29 8.31 12.79
CA LEU B 225 18.37 7.57 11.92
C LEU B 225 16.91 8.06 11.98
N SER B 226 16.58 8.89 12.97
CA SER B 226 15.21 9.41 13.12
C SER B 226 14.80 10.29 11.94
N GLY B 227 13.51 10.21 11.61
CA GLY B 227 12.92 11.02 10.56
C GLY B 227 12.07 12.13 11.14
N TRP B 228 11.19 12.64 10.29
CA TRP B 228 10.34 13.80 10.61
C TRP B 228 8.91 13.51 10.14
N LYS B 229 8.35 12.43 10.67
CA LYS B 229 6.93 12.08 10.49
C LYS B 229 6.39 11.75 11.87
N GLY B 230 5.47 12.58 12.36
CA GLY B 230 4.97 12.49 13.74
C GLY B 230 6.04 12.66 14.82
N ASN B 231 7.05 13.48 14.51
CA ASN B 231 8.17 13.77 15.39
C ASN B 231 7.91 15.16 15.98
N PRO B 232 7.70 15.28 17.32
CA PRO B 232 7.50 16.61 17.96
C PRO B 232 8.59 17.68 17.72
N GLN B 233 9.83 17.24 17.52
CA GLN B 233 10.95 18.14 17.20
C GLN B 233 10.84 18.84 15.82
N LEU B 234 10.21 18.17 14.85
CA LEU B 234 9.86 18.77 13.53
C LEU B 234 8.41 18.43 13.18
N SER B 235 7.50 19.08 13.90
CA SER B 235 6.05 18.75 13.90
C SER B 235 5.36 18.81 12.52
N ASP B 236 5.79 19.74 11.68
CA ASP B 236 5.26 19.91 10.30
C ASP B 236 6.10 19.21 9.21
N GLY B 237 7.16 18.50 9.59
CA GLY B 237 8.17 17.99 8.67
C GLY B 237 9.32 18.96 8.43
N LEU B 238 10.08 18.66 7.38
CA LEU B 238 11.29 19.40 6.99
C LEU B 238 11.00 20.18 5.72
N VAL B 239 11.44 21.44 5.67
CA VAL B 239 11.40 22.25 4.44
C VAL B 239 12.59 21.83 3.58
N TYR B 240 12.30 21.37 2.37
CA TYR B 240 13.31 21.10 1.34
C TYR B 240 13.35 22.37 0.47
N GLU B 241 14.29 23.25 0.78
CA GLU B 241 14.30 24.62 0.23
C GLU B 241 14.55 24.61 -1.27
N GLY B 242 13.74 25.38 -2.02
CA GLY B 242 13.83 25.44 -3.48
C GLY B 242 13.25 24.29 -4.28
N PHE B 243 12.64 23.29 -3.62
CA PHE B 243 11.98 22.14 -4.29
C PHE B 243 10.48 22.14 -4.02
N TRP B 244 10.10 22.09 -2.74
CA TRP B 244 8.71 22.25 -2.28
C TRP B 244 8.65 23.46 -1.36
N GLU B 245 7.60 24.26 -1.51
CA GLU B 245 7.37 25.44 -0.66
C GLU B 245 7.06 25.05 0.79
N ASP B 246 6.16 24.08 0.95
CA ASP B 246 5.70 23.61 2.27
C ASP B 246 6.56 22.46 2.82
N PRO B 247 6.67 22.33 4.16
CA PRO B 247 7.45 21.22 4.73
C PRO B 247 6.79 19.85 4.51
N LYS B 248 7.61 18.82 4.32
CA LYS B 248 7.16 17.45 4.03
C LYS B 248 7.62 16.50 5.11
N GLU B 249 6.75 15.55 5.47
CA GLU B 249 7.05 14.53 6.46
C GLU B 249 7.50 13.23 5.79
N PHE B 250 8.58 12.65 6.32
CA PHE B 250 9.07 11.33 5.91
C PHE B 250 9.56 10.56 7.14
N ALA B 251 9.26 9.25 7.16
CA ALA B 251 9.70 8.36 8.25
C ALA B 251 11.23 8.13 8.20
N GLY B 252 11.79 7.86 9.37
CA GLY B 252 13.22 7.56 9.52
C GLY B 252 13.58 6.13 9.14
N GLY B 253 14.88 5.86 9.11
CA GLY B 253 15.42 4.59 8.65
C GLY B 253 15.15 3.48 9.64
N SER B 254 14.67 2.33 9.15
CA SER B 254 14.33 1.21 10.01
C SER B 254 14.28 -0.13 9.31
N ALA B 255 14.31 -1.20 10.11
CA ALA B 255 14.22 -2.58 9.61
C ALA B 255 12.90 -2.89 8.90
N GLY B 256 11.82 -2.17 9.24
CA GLY B 256 10.57 -2.21 8.48
C GLY B 256 10.64 -1.86 7.00
N GLN B 257 11.70 -1.16 6.60
CA GLN B 257 12.00 -0.88 5.19
C GLN B 257 12.76 -2.00 4.45
N SER B 258 13.26 -3.02 5.17
CA SER B 258 13.91 -4.17 4.56
C SER B 258 12.86 -4.97 3.79
N SER B 259 13.19 -5.34 2.56
CA SER B 259 12.29 -6.17 1.77
C SER B 259 12.15 -7.60 2.32
N VAL B 260 13.20 -8.16 2.93
CA VAL B 260 13.09 -9.47 3.63
C VAL B 260 12.25 -9.44 4.91
N PHE B 261 12.15 -8.27 5.54
CA PHE B 261 11.27 -8.03 6.67
C PHE B 261 9.80 -8.34 6.34
N GLN B 262 9.40 -8.21 5.07
CA GLN B 262 8.04 -8.64 4.67
C GLN B 262 7.88 -9.62 3.49
N CYS B 263 8.92 -9.90 2.69
CA CYS B 263 8.73 -10.75 1.49
C CYS B 263 8.36 -12.21 1.81
N PHE B 264 8.84 -12.73 2.94
CA PHE B 264 8.48 -14.10 3.36
C PHE B 264 7.07 -14.18 3.95
N ASP B 265 6.64 -13.14 4.65
CA ASP B 265 5.22 -13.00 5.05
C ASP B 265 4.30 -12.98 3.83
N VAL B 266 4.70 -12.22 2.81
CA VAL B 266 3.97 -12.14 1.53
C VAL B 266 3.94 -13.51 0.83
N LEU B 267 5.13 -14.12 0.69
CA LEU B 267 5.25 -15.49 0.13
C LEU B 267 4.32 -16.51 0.77
N LEU B 268 4.26 -16.47 2.10
CA LEU B 268 3.50 -17.45 2.88
C LEU B 268 2.05 -17.08 3.11
N GLY B 269 1.58 -15.95 2.53
CA GLY B 269 0.18 -15.53 2.69
C GLY B 269 -0.19 -15.09 4.11
N ILE B 270 0.81 -14.62 4.87
CA ILE B 270 0.61 -14.08 6.21
C ILE B 270 0.25 -12.64 5.92
N GLN B 271 -1.03 -12.30 6.08
CA GLN B 271 -1.57 -11.02 5.59
C GLN B 271 -1.22 -9.89 6.56
N GLN B 272 0.04 -9.47 6.50
CA GLN B 272 0.55 -8.42 7.38
C GLN B 272 0.02 -7.04 6.98
N THR B 273 -0.08 -6.77 5.67
CA THR B 273 -0.63 -5.51 5.13
C THR B 273 -2.18 -5.42 5.02
N ALA B 274 -2.90 -6.52 5.29
CA ALA B 274 -4.38 -6.52 5.25
C ALA B 274 -4.99 -5.91 6.53
N GLY B 275 -6.19 -5.35 6.39
CA GLY B 275 -6.87 -4.62 7.46
C GLY B 275 -6.46 -3.15 7.51
N GLY B 276 -6.86 -2.50 8.61
CA GLY B 276 -6.65 -1.05 8.83
C GLY B 276 -5.99 -0.64 10.13
N GLY B 277 -5.26 -1.58 10.76
CA GLY B 277 -4.47 -1.29 11.96
C GLY B 277 -3.15 -0.61 11.64
N HIS B 278 -2.43 -0.22 12.69
CA HIS B 278 -1.13 0.48 12.56
C HIS B 278 -0.08 -0.36 11.81
N ALA B 279 -0.02 -1.66 12.12
CA ALA B 279 0.99 -2.56 11.53
C ALA B 279 0.82 -2.77 10.02
N ALA B 280 -0.42 -2.98 9.60
CA ALA B 280 -0.78 -3.08 8.19
C ALA B 280 -0.46 -1.82 7.39
N GLN B 281 -0.84 -0.68 7.98
CA GLN B 281 -0.54 0.65 7.44
C GLN B 281 0.97 0.86 7.27
N PHE B 282 1.72 0.59 8.33
CA PHE B 282 3.18 0.80 8.36
C PHE B 282 3.94 -0.03 7.32
N LEU B 283 3.62 -1.32 7.22
CA LEU B 283 4.30 -2.21 6.26
C LEU B 283 4.03 -1.84 4.81
N GLN B 284 2.80 -1.41 4.51
CA GLN B 284 2.48 -0.92 3.18
C GLN B 284 3.18 0.40 2.86
N ASP B 285 3.13 1.35 3.80
CA ASP B 285 3.82 2.65 3.64
C ASP B 285 5.34 2.49 3.43
N MET B 286 5.95 1.54 4.15
CA MET B 286 7.40 1.27 4.01
C MET B 286 7.83 0.70 2.65
N ARG B 287 6.91 0.15 1.86
CA ARG B 287 7.23 -0.23 0.47
C ARG B 287 7.63 0.95 -0.43
N ARG B 288 7.09 2.15 -0.14
CA ARG B 288 7.50 3.39 -0.82
C ARG B 288 8.91 3.88 -0.44
N TYR B 289 9.50 3.34 0.63
CA TYR B 289 10.87 3.60 1.07
C TYR B 289 11.88 2.54 0.58
N MET B 290 11.39 1.52 -0.15
CA MET B 290 12.22 0.52 -0.78
C MET B 290 12.51 0.95 -2.21
N PRO B 291 13.64 0.50 -2.78
CA PRO B 291 13.88 0.75 -4.20
C PRO B 291 12.73 0.21 -5.07
N PRO B 292 12.37 0.94 -6.16
CA PRO B 292 11.19 0.58 -6.97
C PRO B 292 11.19 -0.87 -7.47
N ALA B 293 12.35 -1.38 -7.90
CA ALA B 293 12.48 -2.81 -8.27
C ALA B 293 12.06 -3.80 -7.16
N HIS B 294 12.35 -3.44 -5.91
CA HIS B 294 12.07 -4.29 -4.75
C HIS B 294 10.61 -4.22 -4.34
N ARG B 295 10.02 -3.02 -4.37
CA ARG B 295 8.55 -2.90 -4.19
C ARG B 295 7.78 -3.61 -5.31
N ASN B 296 8.31 -3.57 -6.54
CA ASN B 296 7.73 -4.32 -7.67
C ASN B 296 7.79 -5.83 -7.46
N PHE B 297 8.89 -6.31 -6.90
CA PHE B 297 9.03 -7.72 -6.54
C PHE B 297 7.96 -8.17 -5.53
N LEU B 298 7.76 -7.38 -4.48
CA LEU B 298 6.72 -7.66 -3.49
C LEU B 298 5.31 -7.71 -4.12
N CYS B 299 5.04 -6.76 -5.02
CA CYS B 299 3.81 -6.75 -5.82
C CYS B 299 3.65 -8.02 -6.67
N SER B 300 4.71 -8.41 -7.37
CA SER B 300 4.75 -9.68 -8.15
C SER B 300 4.45 -10.92 -7.32
N LEU B 301 5.01 -11.00 -6.10
CA LEU B 301 4.68 -12.10 -5.18
C LEU B 301 3.19 -12.17 -4.87
N GLU B 302 2.58 -11.02 -4.61
CA GLU B 302 1.12 -10.94 -4.35
C GLU B 302 0.23 -11.24 -5.55
N SER B 303 0.71 -10.96 -6.76
N SER B 303 0.72 -10.95 -6.77
CA SER B 303 0.01 -11.30 -8.01
CA SER B 303 0.02 -11.30 -8.01
C SER B 303 -0.05 -12.81 -8.29
C SER B 303 -0.05 -12.80 -8.29
N ASN B 304 0.96 -13.56 -7.82
CA ASN B 304 1.00 -15.03 -7.98
C ASN B 304 -0.03 -15.73 -7.08
N PRO B 305 -0.44 -16.98 -7.44
CA PRO B 305 -1.38 -17.70 -6.55
C PRO B 305 -0.79 -18.02 -5.17
N SER B 306 -1.68 -18.19 -4.21
CA SER B 306 -1.33 -18.27 -2.79
C SER B 306 -0.68 -19.61 -2.42
N VAL B 307 0.48 -19.55 -1.75
CA VAL B 307 1.17 -20.75 -1.23
C VAL B 307 0.37 -21.36 -0.08
N ARG B 308 -0.09 -20.50 0.82
CA ARG B 308 -0.95 -20.90 1.95
C ARG B 308 -2.19 -21.69 1.49
N GLU B 309 -2.92 -21.10 0.54
CA GLU B 309 -4.13 -21.70 -0.05
C GLU B 309 -3.86 -23.08 -0.66
N PHE B 310 -2.77 -23.18 -1.43
CA PHE B 310 -2.32 -24.43 -2.05
C PHE B 310 -2.04 -25.52 -1.02
N VAL B 311 -1.24 -25.20 0.00
CA VAL B 311 -0.86 -26.17 1.07
C VAL B 311 -2.09 -26.63 1.87
N LEU B 312 -2.92 -25.68 2.27
CA LEU B 312 -4.18 -25.98 2.99
C LEU B 312 -5.19 -26.82 2.21
N SER B 313 -5.26 -26.61 0.89
CA SER B 313 -6.17 -27.38 0.03
C SER B 313 -5.80 -28.87 -0.13
N LYS B 314 -4.52 -29.24 0.07
CA LYS B 314 -4.00 -30.57 -0.30
C LYS B 314 -4.21 -31.74 0.67
N GLY B 315 -4.54 -31.47 1.94
CA GLY B 315 -4.73 -32.51 2.97
C GLY B 315 -3.49 -33.37 3.17
N ASP B 316 -2.36 -32.69 3.28
CA ASP B 316 -1.03 -33.26 3.18
C ASP B 316 -0.22 -32.78 4.40
N ALA B 317 -0.06 -33.67 5.39
CA ALA B 317 0.60 -33.37 6.66
C ALA B 317 2.07 -32.96 6.50
N GLY B 318 2.78 -33.68 5.62
CA GLY B 318 4.17 -33.34 5.27
C GLY B 318 4.33 -31.94 4.71
N LEU B 319 3.38 -31.54 3.84
CA LEU B 319 3.39 -30.23 3.20
C LEU B 319 3.02 -29.11 4.19
N ARG B 320 2.03 -29.36 5.05
CA ARG B 320 1.68 -28.45 6.16
C ARG B 320 2.83 -28.25 7.15
N GLU B 321 3.51 -29.34 7.50
CA GLU B 321 4.71 -29.30 8.36
C GLU B 321 5.84 -28.44 7.80
N ALA B 322 6.11 -28.56 6.49
CA ALA B 322 7.15 -27.76 5.82
C ALA B 322 6.78 -26.27 5.74
N TYR B 323 5.50 -25.99 5.47
CA TYR B 323 4.95 -24.62 5.55
C TYR B 323 5.09 -24.05 6.96
N ASP B 324 4.66 -24.82 7.96
CA ASP B 324 4.77 -24.41 9.38
C ASP B 324 6.20 -24.17 9.87
N ALA B 325 7.15 -24.94 9.34
CA ALA B 325 8.58 -24.70 9.60
C ALA B 325 9.03 -23.27 9.20
N CYS B 326 8.51 -22.77 8.07
CA CYS B 326 8.77 -21.39 7.64
C CYS B 326 8.10 -20.35 8.55
N VAL B 327 6.83 -20.60 8.90
CA VAL B 327 6.06 -19.74 9.79
C VAL B 327 6.74 -19.63 11.17
N LYS B 328 7.13 -20.78 11.72
CA LYS B 328 7.90 -20.86 12.98
C LYS B 328 9.22 -20.08 12.96
N ALA B 329 9.96 -20.20 11.86
CA ALA B 329 11.20 -19.44 11.65
C ALA B 329 10.94 -17.93 11.67
N LEU B 330 9.84 -17.48 11.04
CA LEU B 330 9.43 -16.07 11.12
C LEU B 330 9.05 -15.62 12.52
N VAL B 331 8.27 -16.44 13.23
CA VAL B 331 7.91 -16.15 14.64
C VAL B 331 9.18 -15.92 15.47
N SER B 332 10.17 -16.81 15.32
CA SER B 332 11.44 -16.71 16.03
C SER B 332 12.23 -15.44 15.72
N LEU B 333 12.23 -15.03 14.45
CA LEU B 333 12.82 -13.76 14.02
C LEU B 333 12.13 -12.55 14.66
N ARG B 334 10.80 -12.53 14.67
CA ARG B 334 10.04 -11.46 15.34
C ARG B 334 10.32 -11.40 16.84
N SER B 335 10.32 -12.57 17.48
CA SER B 335 10.65 -12.68 18.92
C SER B 335 12.04 -12.15 19.22
N TYR B 336 13.01 -12.49 18.36
CA TYR B 336 14.39 -12.02 18.53
C TYR B 336 14.50 -10.50 18.38
N HIS B 337 13.85 -9.95 17.36
CA HIS B 337 13.78 -8.49 17.16
C HIS B 337 13.18 -7.79 18.38
N LEU B 338 12.09 -8.35 18.93
CA LEU B 338 11.51 -7.85 20.19
C LEU B 338 12.52 -7.80 21.35
N GLN B 339 13.29 -8.87 21.52
CA GLN B 339 14.37 -8.93 22.54
C GLN B 339 15.43 -7.86 22.34
N ILE B 340 15.79 -7.61 21.07
CA ILE B 340 16.73 -6.52 20.71
C ILE B 340 16.15 -5.16 21.09
N VAL B 341 14.88 -4.91 20.78
CA VAL B 341 14.25 -3.63 21.12
C VAL B 341 14.18 -3.43 22.65
N THR B 342 13.96 -4.51 23.41
CA THR B 342 13.98 -4.46 24.88
C THR B 342 15.35 -4.05 25.40
N LYS B 343 16.39 -4.73 24.93
CA LYS B 343 17.78 -4.44 25.33
C LYS B 343 18.31 -3.06 24.84
N TYR B 344 18.04 -2.73 23.58
CA TYR B 344 18.63 -1.56 22.91
C TYR B 344 17.82 -0.26 22.95
N ILE B 345 16.51 -0.34 23.22
CA ILE B 345 15.64 0.85 23.29
C ILE B 345 14.92 0.97 24.65
N LEU B 346 14.16 -0.06 25.07
CA LEU B 346 13.31 0.07 26.28
C LEU B 346 14.10 0.30 27.57
N ILE B 347 15.13 -0.53 27.79
CA ILE B 347 15.98 -0.44 28.99
C ILE B 347 16.80 0.88 29.05
N PRO B 348 17.50 1.26 27.95
CA PRO B 348 18.15 2.59 27.91
C PRO B 348 17.20 3.78 28.08
N ALA B 349 16.01 3.72 27.50
CA ALA B 349 14.97 4.75 27.73
C ALA B 349 14.51 4.84 29.19
N SER B 350 14.47 3.72 29.90
CA SER B 350 14.18 3.70 31.35
C SER B 350 15.27 4.33 32.24
N GLN B 351 16.53 4.29 31.79
CA GLN B 351 17.69 4.87 32.50
C GLN B 351 18.06 6.27 31.94
N GLN B 352 17.05 7.09 31.62
CA GLN B 352 17.18 8.35 30.86
C GLN B 352 17.91 8.19 29.51
N GLY B 371 11.50 6.18 23.37
CA GLY B 371 10.48 5.40 24.07
C GLY B 371 10.58 3.90 23.82
N GLY B 372 10.19 3.50 22.60
CA GLY B 372 10.24 2.10 22.13
C GLY B 372 8.91 1.34 22.09
N THR B 373 7.92 1.78 22.88
CA THR B 373 6.62 1.09 23.04
C THR B 373 5.83 0.92 21.74
N ASP B 374 5.84 1.93 20.87
CA ASP B 374 5.17 1.85 19.56
C ASP B 374 5.78 0.77 18.64
N LEU B 375 7.11 0.69 18.63
CA LEU B 375 7.83 -0.36 17.89
C LEU B 375 7.53 -1.77 18.45
N MET B 376 7.57 -1.90 19.79
CA MET B 376 7.24 -3.18 20.47
C MET B 376 5.83 -3.68 20.12
N ASN B 377 4.85 -2.78 20.15
CA ASN B 377 3.45 -3.14 19.85
C ASN B 377 3.22 -3.55 18.40
N PHE B 378 3.89 -2.83 17.49
CA PHE B 378 3.97 -3.22 16.08
C PHE B 378 4.51 -4.64 15.91
N LEU B 379 5.68 -4.91 16.51
CA LEU B 379 6.30 -6.25 16.43
C LEU B 379 5.48 -7.37 17.08
N LYS B 380 4.82 -7.07 18.21
CA LYS B 380 3.91 -8.03 18.84
C LYS B 380 2.70 -8.39 17.96
N THR B 381 2.13 -7.39 17.29
CA THR B 381 1.03 -7.58 16.32
C THR B 381 1.49 -8.47 15.15
N VAL B 382 2.64 -8.11 14.56
CA VAL B 382 3.27 -8.89 13.47
C VAL B 382 3.52 -10.34 13.91
N ARG B 383 4.11 -10.52 15.09
CA ARG B 383 4.37 -11.85 15.64
C ARG B 383 3.08 -12.66 15.86
N SER B 384 2.06 -12.03 16.47
CA SER B 384 0.77 -12.69 16.71
C SER B 384 0.10 -13.16 15.41
N THR B 385 0.06 -12.27 14.42
CA THR B 385 -0.43 -12.58 13.05
C THR B 385 0.29 -13.76 12.41
N THR B 386 1.61 -13.79 12.58
CA THR B 386 2.47 -14.88 12.11
C THR B 386 2.14 -16.19 12.83
N GLU B 387 2.06 -16.14 14.16
CA GLU B 387 1.76 -17.32 14.98
C GLU B 387 0.37 -17.91 14.67
N LYS B 388 -0.60 -17.04 14.42
CA LYS B 388 -1.96 -17.44 13.97
C LYS B 388 -2.03 -18.09 12.58
N SER B 389 -1.02 -17.86 11.73
CA SER B 389 -0.91 -18.51 10.42
C SER B 389 -0.46 -19.97 10.43
N LEU B 390 -0.05 -20.51 11.57
CA LEU B 390 0.30 -21.93 11.67
C LEU B 390 -0.91 -22.81 11.30
N LEU B 391 -0.69 -23.79 10.42
CA LEU B 391 -1.75 -24.67 9.92
C LEU B 391 -2.04 -25.84 10.85
N LYS B 392 -0.99 -26.46 11.39
CA LYS B 392 -1.07 -27.64 12.27
C LYS B 392 -1.74 -28.83 11.51
N GLU B 393 -3.01 -29.13 11.78
CA GLU B 393 -3.77 -30.21 11.10
C GLU B 393 -4.60 -29.66 9.93
N GLY B 394 -5.25 -30.55 9.19
CA GLY B 394 -6.15 -30.18 8.09
C GLY B 394 -6.61 -31.32 7.23
C2 QPV C . -20.12 8.10 -5.46
C4 QPV C . -19.93 5.96 -4.18
C5 QPV C . -20.63 4.62 -4.24
C6 QPV C . -20.46 3.88 -2.90
C7 QPV C . -20.50 8.84 -6.75
C8 QPV C . -21.91 8.49 -7.29
C11 QPV C . -19.30 8.69 -7.68
C12 QPV C . -18.18 9.53 -7.50
C16 QPV C . -15.05 9.17 -10.68
C18 QPV C . -13.95 8.75 -11.59
C19 QPV C . -12.68 9.34 -11.47
C21 QPV C . -11.88 8.01 -13.31
C24 QPV C . -14.16 7.79 -12.59
O1 QPV C . -19.64 8.71 -4.52
N3 QPV C . -20.28 6.75 -5.38
C9 QPV C . -22.33 9.96 -7.20
C10 QPV C . -20.99 10.30 -6.55
C13 QPV C . -17.06 9.41 -8.32
C14 QPV C . -17.01 8.45 -9.34
N15 QPV C . -15.92 8.23 -10.21
O17 QPV C . -15.13 10.36 -10.38
C20 QPV C . -11.64 8.97 -12.32
C22 QPV C . -13.14 7.43 -13.45
CL QPV C . -13.45 6.23 -14.66
C25 QPV C . -18.11 7.61 -9.50
C26 QPV C . -19.23 7.72 -8.68
C2 QPV D . 17.60 -3.04 12.84
C4 QPV D . 17.94 -1.32 11.08
C5 QPV D . 19.04 -0.90 10.12
C6 QPV D . 18.82 0.52 9.63
C7 QPV D . 18.00 -4.36 13.48
C8 QPV D . 19.52 -4.55 13.72
C11 QPV D . 17.28 -5.44 12.66
C12 QPV D . 15.94 -5.68 12.94
C16 QPV D . 14.16 -9.16 10.83
C18 QPV D . 13.60 -10.14 9.85
C19 QPV D . 12.21 -10.40 9.84
C21 QPV D . 12.52 -11.97 8.04
C24 QPV D . 14.43 -10.82 8.95
O1 QPV D . 16.64 -2.43 13.27
N3 QPV D . 18.27 -2.58 11.75
C9 QPV D . 19.28 -4.76 15.22
C10 QPV D . 17.80 -4.43 15.02
C13 QPV D . 15.22 -6.63 12.24
C14 QPV D . 15.82 -7.36 11.20
N15 QPV D . 15.15 -8.33 10.41
O17 QPV D . 13.70 -9.16 11.97
C20 QPV D . 11.69 -11.32 8.93
C22 QPV D . 13.89 -11.73 8.04
CL QPV D . 14.93 -12.54 6.94
C25 QPV D . 17.16 -7.10 10.89
C26 QPV D . 17.87 -6.14 11.61
#